data_5O59
#
_entry.id   5O59
#
_cell.length_a   55.850
_cell.length_b   71.340
_cell.length_c   102.912
_cell.angle_alpha   90.00
_cell.angle_beta   89.99
_cell.angle_gamma   90.00
#
_symmetry.space_group_name_H-M   'P 1 21 1'
#
loop_
_entity.id
_entity.type
_entity.pdbx_description
1 polymer Glucanase
2 non-polymer 2-acetamido-2-deoxy-beta-D-glucopyranose
3 non-polymer 'NICKEL (II) ION'
4 non-polymer GLYCEROL
5 non-polymer 2-[BIS-(2-HYDROXY-ETHYL)-AMINO]-2-HYDROXYMETHYL-PROPANE-1,3-DIOL
6 non-polymer 1-thio-beta-D-glucopyranose
7 non-polymer alpha-D-glucopyranose
8 non-polymer DI(HYDROXYETHYL)ETHER
9 water water
#
_entity_poly.entity_id   1
_entity_poly.type   'polypeptide(L)'
_entity_poly.pdbx_seq_one_letter_code
;(PCA)QVCTTQAETHPALSWSKCTSGGSCTTQAGKVVLDANWRWTHAYPSGNNCYNGNTWDATLCPDDATCAKNCCLEGA
DYSGTYGVTTSGNQLTIDFVTQSANKNVGARLYLMASDTAYEEFTLLNNEFSFDVDVSALPCGLNGALYFVSMDADGGAS
KYPTNLAGAKYGTGYCDSQCPRDLKFISGQANVEGWQPSSNNANTGIGGHGSCCSEMDIWEANSISQALTPHPCETVGQV
TCSGDDCGGTYSNNRYGGTCDPDGCDWNPYRLGNHTFYGPGSGFTVDTTKKITVVTQFSSTGINRYYVQNGVKFVQPNAS
GLSGYTGNTINSAYCSAEQTAFGGTSFTDKGGLTQMNKALSGGMVLVLSLWDDYAANMLWLDSTYPTNDTASTPGAARGT
CSTSSGVPATVEQQSPNSKVVFSNIKFGPIGSTG
;
_entity_poly.pdbx_strand_id   A,B
#
loop_
_chem_comp.id
_chem_comp.type
_chem_comp.name
_chem_comp.formula
BTB non-polymer 2-[BIS-(2-HYDROXY-ETHYL)-AMINO]-2-HYDROXYMETHYL-PROPANE-1,3-DIOL 'C8 H19 N O5'
GLC D-saccharide, alpha linking alpha-D-glucopyranose 'C6 H12 O6'
GOL non-polymer GLYCEROL 'C3 H8 O3'
GS1 D-saccharide, beta linking 1-thio-beta-D-glucopyranose 'C6 H12 O5 S'
NAG D-saccharide, beta linking 2-acetamido-2-deoxy-beta-D-glucopyranose 'C8 H15 N O6'
NI non-polymer 'NICKEL (II) ION' 'Ni 2'
PEG non-polymer DI(HYDROXYETHYL)ETHER 'C4 H10 O3'
#
# COMPACT_ATOMS: atom_id res chain seq x y z
N PCA A 1 2.23 3.39 -27.40
CA PCA A 1 2.24 4.51 -26.47
CB PCA A 1 1.52 3.97 -25.23
CG PCA A 1 1.51 2.46 -25.40
CD PCA A 1 1.88 2.24 -26.84
OE PCA A 1 1.84 1.16 -27.42
C PCA A 1 3.62 4.98 -26.11
O PCA A 1 4.58 4.22 -26.24
N GLN A 2 3.71 6.21 -25.64
CA GLN A 2 4.94 6.80 -25.14
C GLN A 2 5.13 6.40 -23.67
N VAL A 3 6.24 6.83 -23.08
CA VAL A 3 6.53 6.63 -21.67
C VAL A 3 6.69 7.99 -20.98
N CYS A 4 5.93 8.20 -19.90
CA CYS A 4 6.14 9.32 -18.98
C CYS A 4 6.61 8.81 -17.61
N THR A 5 7.20 9.72 -16.84
CA THR A 5 7.90 9.37 -15.62
C THR A 5 7.58 10.22 -14.39
N THR A 6 6.38 10.78 -14.32
N THR A 6 6.38 10.79 -14.34
CA THR A 6 5.94 11.47 -13.10
CA THR A 6 5.90 11.45 -13.12
C THR A 6 5.74 10.47 -11.95
C THR A 6 5.88 10.44 -11.98
N GLN A 7 5.39 9.23 -12.29
CA GLN A 7 5.35 8.10 -11.35
C GLN A 7 6.39 7.08 -11.82
N ALA A 8 7.35 6.77 -10.95
CA ALA A 8 8.44 5.85 -11.28
C ALA A 8 7.91 4.45 -11.52
N GLU A 9 8.57 3.68 -12.38
CA GLU A 9 8.20 2.27 -12.62
C GLU A 9 9.30 1.36 -12.11
N THR A 10 8.99 0.65 -11.03
CA THR A 10 9.88 -0.31 -10.41
C THR A 10 9.10 -1.61 -10.30
N HIS A 11 9.60 -2.63 -10.97
CA HIS A 11 8.94 -3.94 -10.98
C HIS A 11 9.23 -4.68 -9.67
N PRO A 12 8.19 -5.01 -8.87
CA PRO A 12 8.49 -5.82 -7.68
C PRO A 12 9.22 -7.12 -8.01
N ALA A 13 10.19 -7.49 -7.18
CA ALA A 13 11.00 -8.69 -7.40
C ALA A 13 10.16 -9.92 -7.06
N LEU A 14 10.36 -11.00 -7.80
CA LEU A 14 9.74 -12.29 -7.47
C LEU A 14 10.70 -13.40 -7.87
N SER A 15 11.13 -14.18 -6.88
N SER A 15 11.15 -14.19 -6.89
CA SER A 15 11.99 -15.33 -7.10
CA SER A 15 12.02 -15.31 -7.19
C SER A 15 11.15 -16.53 -7.54
C SER A 15 11.20 -16.54 -7.50
N TRP A 16 11.75 -17.40 -8.36
CA TRP A 16 11.11 -18.65 -8.75
C TRP A 16 12.20 -19.67 -9.04
N SER A 17 11.82 -20.92 -9.25
CA SER A 17 12.83 -21.97 -9.41
C SER A 17 12.75 -22.62 -10.77
N LYS A 18 13.91 -22.71 -11.43
CA LYS A 18 14.06 -23.46 -12.67
C LYS A 18 14.69 -24.80 -12.30
N CYS A 19 14.00 -25.88 -12.61
CA CYS A 19 14.43 -27.22 -12.28
C CYS A 19 14.88 -27.93 -13.55
N THR A 20 15.80 -28.88 -13.40
CA THR A 20 16.41 -29.59 -14.53
C THR A 20 16.27 -31.08 -14.30
N SER A 21 16.44 -31.86 -15.38
CA SER A 21 16.40 -33.33 -15.27
C SER A 21 17.40 -33.79 -14.20
N GLY A 22 16.89 -34.47 -13.18
CA GLY A 22 17.67 -34.79 -11.99
C GLY A 22 17.02 -34.28 -10.71
N GLY A 23 16.20 -33.24 -10.84
CA GLY A 23 15.49 -32.68 -9.68
C GLY A 23 16.23 -31.53 -9.00
N SER A 24 17.41 -31.19 -9.51
CA SER A 24 18.12 -30.00 -9.10
C SER A 24 17.40 -28.75 -9.63
N CYS A 25 17.14 -27.79 -8.74
CA CYS A 25 16.50 -26.51 -9.10
C CYS A 25 17.38 -25.35 -8.66
N THR A 26 17.43 -24.29 -9.46
CA THR A 26 18.14 -23.07 -9.09
C THR A 26 17.21 -21.87 -9.07
N THR A 27 17.49 -20.92 -8.17
CA THR A 27 16.66 -19.74 -7.99
C THR A 27 16.88 -18.75 -9.14
N GLN A 28 15.78 -18.19 -9.61
CA GLN A 28 15.75 -17.24 -10.71
C GLN A 28 15.23 -15.94 -10.16
N ALA A 29 15.93 -14.85 -10.49
CA ALA A 29 15.60 -13.52 -9.97
C ALA A 29 14.64 -12.78 -10.90
N GLY A 30 13.37 -13.17 -10.86
CA GLY A 30 12.35 -12.55 -11.71
C GLY A 30 11.80 -11.27 -11.13
N LYS A 31 10.90 -10.65 -11.89
CA LYS A 31 10.14 -9.47 -11.48
C LYS A 31 8.74 -9.55 -12.07
N VAL A 32 7.80 -8.81 -11.52
CA VAL A 32 6.46 -8.71 -12.09
C VAL A 32 6.18 -7.29 -12.58
N VAL A 33 5.36 -7.19 -13.61
CA VAL A 33 4.97 -5.89 -14.19
C VAL A 33 3.47 -5.87 -14.39
N LEU A 34 2.88 -4.74 -14.05
CA LEU A 34 1.45 -4.49 -14.19
C LEU A 34 1.06 -4.23 -15.65
N ASP A 35 -0.07 -4.81 -16.04
CA ASP A 35 -0.62 -4.63 -17.38
C ASP A 35 -0.93 -3.16 -17.69
N ALA A 36 -0.69 -2.75 -18.93
CA ALA A 36 -0.80 -1.36 -19.34
C ALA A 36 -2.19 -0.75 -19.14
N ASN A 37 -3.25 -1.54 -19.25
CA ASN A 37 -4.63 -1.04 -19.02
C ASN A 37 -4.87 -0.39 -17.66
N TRP A 38 -4.12 -0.80 -16.64
CA TRP A 38 -4.28 -0.29 -15.29
C TRP A 38 -3.57 1.06 -15.08
N ARG A 39 -2.79 1.51 -16.05
CA ARG A 39 -1.95 2.68 -15.89
C ARG A 39 -2.68 3.97 -16.26
N TRP A 40 -2.33 5.01 -15.53
CA TRP A 40 -2.63 6.38 -15.88
C TRP A 40 -2.04 6.68 -17.26
N THR A 41 -2.86 7.20 -18.16
N THR A 41 -2.88 7.21 -18.14
CA THR A 41 -2.39 7.61 -19.49
CA THR A 41 -2.47 7.62 -19.50
C THR A 41 -2.73 9.08 -19.74
C THR A 41 -2.73 9.11 -19.69
N HIS A 42 -1.69 9.87 -20.04
CA HIS A 42 -1.82 11.32 -20.27
C HIS A 42 -0.95 11.81 -21.41
N ALA A 43 -1.12 13.08 -21.76
CA ALA A 43 -0.37 13.68 -22.86
C ALA A 43 1.14 13.63 -22.61
N TYR A 44 1.89 13.31 -23.65
CA TYR A 44 3.36 13.24 -23.60
C TYR A 44 3.95 14.58 -24.09
N PRO A 45 5.00 15.12 -23.46
CA PRO A 45 5.62 14.61 -22.22
C PRO A 45 4.84 14.99 -20.94
N SER A 46 3.89 15.91 -21.06
CA SER A 46 2.97 16.24 -19.97
C SER A 46 1.69 16.79 -20.54
N GLY A 47 0.64 16.81 -19.72
CA GLY A 47 -0.62 17.44 -20.08
C GLY A 47 -1.83 16.67 -19.60
N ASN A 48 -2.94 16.88 -20.29
CA ASN A 48 -4.22 16.33 -19.88
C ASN A 48 -4.25 14.80 -20.04
N ASN A 49 -5.18 14.17 -19.34
CA ASN A 49 -5.43 12.74 -19.45
C ASN A 49 -5.90 12.44 -20.85
N CYS A 50 -5.42 11.33 -21.41
CA CYS A 50 -5.89 10.87 -22.71
C CYS A 50 -7.13 10.01 -22.52
N TYR A 51 -7.23 9.35 -21.36
CA TYR A 51 -8.34 8.52 -21.00
C TYR A 51 -8.68 8.83 -19.56
N ASN A 52 -9.95 9.03 -19.31
CA ASN A 52 -10.43 9.29 -17.97
C ASN A 52 -11.86 8.80 -17.82
N GLY A 53 -12.11 8.10 -16.72
CA GLY A 53 -13.36 7.37 -16.54
C GLY A 53 -13.39 6.20 -17.51
N ASN A 54 -14.29 6.29 -18.50
CA ASN A 54 -14.34 5.31 -19.60
C ASN A 54 -14.41 5.97 -20.98
N THR A 55 -13.92 7.20 -21.09
CA THR A 55 -13.91 7.93 -22.37
C THR A 55 -12.52 8.50 -22.68
N TRP A 56 -12.20 8.53 -23.97
CA TRP A 56 -10.98 9.12 -24.47
C TRP A 56 -11.13 10.64 -24.67
N ASP A 57 -10.00 11.35 -24.57
CA ASP A 57 -9.96 12.78 -24.89
C ASP A 57 -9.89 12.92 -26.41
N ALA A 58 -10.93 13.50 -27.02
CA ALA A 58 -10.98 13.62 -28.49
C ALA A 58 -9.86 14.49 -29.09
N THR A 59 -9.42 15.51 -28.37
CA THR A 59 -8.34 16.41 -28.83
C THR A 59 -7.01 15.69 -28.93
N LEU A 60 -6.64 15.01 -27.85
CA LEU A 60 -5.41 14.22 -27.82
C LEU A 60 -5.52 12.93 -28.64
N CYS A 61 -6.73 12.36 -28.69
CA CYS A 61 -6.94 11.06 -29.34
C CYS A 61 -8.06 11.08 -30.40
N PRO A 62 -7.82 11.79 -31.51
CA PRO A 62 -8.82 11.86 -32.57
C PRO A 62 -8.91 10.58 -33.38
N ASP A 63 -7.81 9.83 -33.42
CA ASP A 63 -7.76 8.54 -34.09
C ASP A 63 -6.76 7.65 -33.35
N ASP A 64 -6.68 6.38 -33.75
CA ASP A 64 -5.86 5.40 -33.03
C ASP A 64 -4.34 5.69 -33.01
N ALA A 65 -3.79 6.09 -34.16
CA ALA A 65 -2.36 6.31 -34.28
C ALA A 65 -1.92 7.59 -33.56
N THR A 66 -2.63 8.68 -33.85
CA THR A 66 -2.36 9.98 -33.24
C THR A 66 -2.38 9.89 -31.73
N CYS A 67 -3.39 9.20 -31.21
CA CYS A 67 -3.52 8.97 -29.77
C CYS A 67 -2.28 8.30 -29.17
N ALA A 68 -1.77 7.26 -29.83
CA ALA A 68 -0.55 6.58 -29.37
C ALA A 68 0.71 7.48 -29.46
N LYS A 69 0.74 8.41 -30.42
CA LYS A 69 1.85 9.36 -30.57
C LYS A 69 1.80 10.43 -29.49
N ASN A 70 0.61 10.90 -29.13
CA ASN A 70 0.41 11.97 -28.16
C ASN A 70 0.33 11.52 -26.70
N CYS A 71 0.12 10.22 -26.47
CA CYS A 71 -0.15 9.71 -25.13
C CYS A 71 0.89 8.74 -24.62
N CYS A 72 1.16 8.84 -23.32
CA CYS A 72 2.14 8.02 -22.66
C CYS A 72 1.49 7.25 -21.53
N LEU A 73 2.13 6.13 -21.17
CA LEU A 73 1.81 5.34 -19.99
C LEU A 73 2.71 5.78 -18.83
N GLU A 74 2.16 5.76 -17.62
CA GLU A 74 2.88 6.09 -16.39
C GLU A 74 3.33 4.87 -15.59
N GLY A 75 4.23 5.10 -14.64
CA GLY A 75 4.59 4.10 -13.65
C GLY A 75 3.46 3.82 -12.69
N ALA A 76 3.61 2.72 -11.94
CA ALA A 76 2.58 2.24 -11.04
C ALA A 76 3.10 2.10 -9.61
N ASP A 77 2.30 2.59 -8.66
CA ASP A 77 2.55 2.35 -7.25
C ASP A 77 1.89 1.03 -6.91
N TYR A 78 2.68 -0.03 -6.99
CA TYR A 78 2.18 -1.42 -6.94
C TYR A 78 1.38 -1.74 -5.66
N SER A 79 1.93 -1.43 -4.50
N SER A 79 1.94 -1.42 -4.51
CA SER A 79 1.22 -1.74 -3.24
CA SER A 79 1.27 -1.70 -3.23
C SER A 79 0.12 -0.71 -2.94
C SER A 79 0.12 -0.71 -2.99
N GLY A 80 0.46 0.57 -2.98
CA GLY A 80 -0.50 1.63 -2.58
C GLY A 80 -1.76 1.81 -3.42
N THR A 81 -1.62 1.65 -4.73
CA THR A 81 -2.73 1.84 -5.65
C THR A 81 -3.32 0.51 -6.10
N TYR A 82 -2.46 -0.44 -6.43
CA TYR A 82 -2.90 -1.70 -7.04
C TYR A 82 -2.93 -2.94 -6.13
N GLY A 83 -2.48 -2.81 -4.88
CA GLY A 83 -2.57 -3.90 -3.92
C GLY A 83 -1.73 -5.13 -4.24
N VAL A 84 -0.59 -4.90 -4.90
CA VAL A 84 0.36 -5.91 -5.32
C VAL A 84 1.64 -5.75 -4.49
N THR A 85 2.01 -6.82 -3.77
CA THR A 85 3.25 -6.88 -2.99
C THR A 85 3.94 -8.23 -3.25
N THR A 86 5.26 -8.24 -3.13
CA THR A 86 6.04 -9.47 -3.22
C THR A 86 6.96 -9.61 -2.02
N SER A 87 7.28 -10.85 -1.69
CA SER A 87 8.26 -11.15 -0.66
C SER A 87 8.87 -12.50 -0.99
N GLY A 88 10.16 -12.50 -1.34
CA GLY A 88 10.87 -13.68 -1.80
C GLY A 88 10.19 -14.28 -3.01
N ASN A 89 9.72 -15.51 -2.86
CA ASN A 89 9.01 -16.21 -3.93
C ASN A 89 7.48 -16.06 -3.87
N GLN A 90 6.99 -15.15 -3.02
CA GLN A 90 5.55 -14.96 -2.80
C GLN A 90 5.02 -13.66 -3.46
N LEU A 91 3.88 -13.78 -4.13
CA LEU A 91 3.17 -12.63 -4.72
C LEU A 91 1.78 -12.55 -4.12
N THR A 92 1.41 -11.39 -3.59
CA THR A 92 0.06 -11.17 -3.12
C THR A 92 -0.63 -10.17 -4.03
N ILE A 93 -1.86 -10.48 -4.43
CA ILE A 93 -2.71 -9.55 -5.17
C ILE A 93 -3.97 -9.35 -4.36
N ASP A 94 -4.14 -8.18 -3.78
CA ASP A 94 -5.39 -7.85 -3.06
C ASP A 94 -6.52 -7.55 -4.03
N PHE A 95 -7.76 -7.67 -3.56
CA PHE A 95 -8.95 -7.45 -4.38
C PHE A 95 -9.28 -5.96 -4.55
N VAL A 96 -9.77 -5.30 -3.50
CA VAL A 96 -10.15 -3.89 -3.55
C VAL A 96 -9.03 -3.09 -2.90
N THR A 97 -8.47 -2.14 -3.63
CA THR A 97 -7.49 -1.20 -3.09
C THR A 97 -7.99 0.19 -3.35
N GLN A 98 -8.20 0.94 -2.27
CA GLN A 98 -8.66 2.31 -2.33
C GLN A 98 -7.47 3.23 -2.00
N SER A 99 -7.17 4.15 -2.92
N SER A 99 -7.15 4.14 -2.92
CA SER A 99 -6.21 5.22 -2.71
CA SER A 99 -6.22 5.23 -2.67
C SER A 99 -6.87 6.49 -3.27
C SER A 99 -6.86 6.50 -3.26
N ALA A 100 -6.48 6.92 -4.47
CA ALA A 100 -7.17 8.02 -5.16
C ALA A 100 -8.53 7.53 -5.62
N ASN A 101 -8.54 6.34 -6.21
CA ASN A 101 -9.74 5.70 -6.72
C ASN A 101 -9.85 4.29 -6.13
N LYS A 102 -10.99 3.65 -6.34
CA LYS A 102 -11.16 2.24 -6.04
C LYS A 102 -10.58 1.45 -7.22
N ASN A 103 -9.54 0.65 -6.96
CA ASN A 103 -9.02 -0.29 -7.95
C ASN A 103 -9.48 -1.69 -7.55
N VAL A 104 -9.92 -2.48 -8.55
CA VAL A 104 -10.38 -3.85 -8.29
C VAL A 104 -9.50 -4.85 -9.05
N GLY A 105 -8.67 -5.59 -8.32
CA GLY A 105 -7.80 -6.60 -8.93
C GLY A 105 -6.65 -6.04 -9.77
N ALA A 106 -5.91 -6.95 -10.40
CA ALA A 106 -4.77 -6.59 -11.21
C ALA A 106 -4.42 -7.74 -12.11
N ARG A 107 -3.67 -7.43 -13.15
CA ARG A 107 -3.09 -8.46 -14.02
C ARG A 107 -1.61 -8.15 -14.14
N LEU A 108 -0.76 -9.17 -13.92
CA LEU A 108 0.69 -9.04 -13.90
C LEU A 108 1.35 -10.06 -14.79
N TYR A 109 2.55 -9.74 -15.27
CA TYR A 109 3.35 -10.64 -16.10
C TYR A 109 4.70 -10.84 -15.46
N LEU A 110 5.19 -12.08 -15.52
CA LEU A 110 6.53 -12.38 -15.00
C LEU A 110 7.58 -11.95 -16.02
N MET A 111 8.57 -11.20 -15.54
CA MET A 111 9.64 -10.66 -16.37
C MET A 111 10.96 -11.41 -16.21
N ALA A 112 11.68 -11.54 -17.32
CA ALA A 112 13.05 -12.07 -17.34
C ALA A 112 14.06 -10.96 -17.04
N SER A 113 13.78 -9.77 -17.57
CA SER A 113 14.53 -8.54 -17.26
C SER A 113 13.53 -7.40 -17.19
N ASP A 114 13.99 -6.19 -16.90
CA ASP A 114 13.13 -5.01 -16.90
C ASP A 114 12.52 -4.64 -18.27
N THR A 115 12.96 -5.24 -19.38
CA THR A 115 12.41 -4.95 -20.71
C THR A 115 11.91 -6.20 -21.47
N ALA A 116 11.84 -7.35 -20.79
CA ALA A 116 11.46 -8.60 -21.45
C ALA A 116 10.66 -9.52 -20.53
N TYR A 117 9.52 -9.99 -21.03
CA TYR A 117 8.76 -11.00 -20.34
C TYR A 117 9.55 -12.31 -20.39
N GLU A 118 9.43 -13.10 -19.32
CA GLU A 118 9.91 -14.48 -19.32
C GLU A 118 9.04 -15.31 -20.26
N GLU A 119 9.67 -16.11 -21.10
CA GLU A 119 8.96 -16.98 -22.04
C GLU A 119 9.17 -18.45 -21.63
N PHE A 120 8.07 -19.14 -21.35
CA PHE A 120 8.07 -20.53 -20.95
C PHE A 120 7.57 -21.39 -22.11
N THR A 121 8.32 -22.45 -22.44
CA THR A 121 7.89 -23.41 -23.43
C THR A 121 7.39 -24.61 -22.66
N LEU A 122 6.08 -24.81 -22.68
CA LEU A 122 5.44 -25.78 -21.77
C LEU A 122 5.47 -27.26 -22.17
N LEU A 123 5.45 -27.58 -23.46
CA LEU A 123 5.33 -28.98 -23.87
C LEU A 123 6.52 -29.84 -23.40
N ASN A 124 6.20 -31.02 -22.88
CA ASN A 124 7.15 -31.94 -22.22
C ASN A 124 7.67 -31.45 -20.87
N ASN A 125 7.13 -30.35 -20.36
CA ASN A 125 7.58 -29.77 -19.13
C ASN A 125 6.41 -29.67 -18.14
N GLU A 126 6.71 -29.25 -16.93
CA GLU A 126 5.68 -29.08 -15.93
C GLU A 126 5.86 -27.77 -15.21
N PHE A 127 4.74 -27.22 -14.78
CA PHE A 127 4.70 -25.98 -14.02
C PHE A 127 4.02 -26.28 -12.71
N SER A 128 4.68 -25.88 -11.62
CA SER A 128 4.21 -26.06 -10.26
C SER A 128 4.18 -24.70 -9.57
N PHE A 129 3.18 -24.50 -8.74
CA PHE A 129 3.13 -23.32 -7.89
C PHE A 129 2.31 -23.64 -6.66
N ASP A 130 2.51 -22.85 -5.62
CA ASP A 130 1.70 -22.90 -4.42
C ASP A 130 0.73 -21.74 -4.42
N VAL A 131 -0.46 -21.96 -3.89
CA VAL A 131 -1.48 -20.92 -3.83
C VAL A 131 -2.29 -21.01 -2.55
N ASP A 132 -2.64 -19.83 -2.05
CA ASP A 132 -3.60 -19.70 -0.97
C ASP A 132 -4.82 -18.99 -1.56
N VAL A 133 -5.91 -19.75 -1.70
CA VAL A 133 -7.18 -19.22 -2.18
C VAL A 133 -8.19 -19.01 -1.05
N SER A 134 -7.75 -19.12 0.21
CA SER A 134 -8.66 -19.08 1.36
C SER A 134 -9.46 -17.79 1.45
N ALA A 135 -8.88 -16.69 0.99
CA ALA A 135 -9.56 -15.39 1.00
C ALA A 135 -10.21 -15.05 -0.37
N LEU A 136 -10.61 -16.06 -1.14
CA LEU A 136 -11.30 -15.85 -2.41
C LEU A 136 -12.70 -16.46 -2.31
N PRO A 137 -13.71 -15.62 -2.02
CA PRO A 137 -15.08 -16.14 -1.95
C PRO A 137 -15.71 -16.30 -3.33
N CYS A 138 -16.98 -16.69 -3.35
CA CYS A 138 -17.78 -16.72 -4.57
C CYS A 138 -17.66 -15.44 -5.37
N GLY A 139 -17.47 -15.57 -6.68
CA GLY A 139 -17.43 -14.43 -7.59
C GLY A 139 -16.05 -13.92 -7.94
N LEU A 140 -15.00 -14.40 -7.27
CA LEU A 140 -13.62 -13.97 -7.59
C LEU A 140 -12.84 -15.05 -8.31
N ASN A 141 -11.85 -14.63 -9.09
CA ASN A 141 -11.00 -15.55 -9.86
C ASN A 141 -9.55 -15.10 -9.70
N GLY A 142 -8.79 -15.86 -8.90
CA GLY A 142 -7.35 -15.74 -8.83
C GLY A 142 -6.78 -16.65 -9.92
N ALA A 143 -6.26 -16.04 -10.98
CA ALA A 143 -5.89 -16.79 -12.18
C ALA A 143 -4.39 -16.75 -12.42
N LEU A 144 -3.85 -17.92 -12.74
CA LEU A 144 -2.48 -18.06 -13.19
C LEU A 144 -2.58 -18.78 -14.52
N TYR A 145 -1.99 -18.17 -15.54
CA TYR A 145 -2.15 -18.70 -16.89
C TYR A 145 -1.07 -18.23 -17.83
N PHE A 146 -1.04 -18.86 -18.99
CA PHE A 146 -0.06 -18.53 -20.02
C PHE A 146 -0.75 -18.03 -21.28
N VAL A 147 -0.10 -17.06 -21.94
CA VAL A 147 -0.58 -16.52 -23.21
C VAL A 147 0.59 -16.33 -24.17
N SER A 148 0.32 -16.45 -25.47
CA SER A 148 1.37 -16.34 -26.50
C SER A 148 1.64 -14.87 -26.86
N MET A 149 2.13 -14.13 -25.87
CA MET A 149 2.51 -12.74 -26.01
C MET A 149 3.94 -12.65 -26.52
N ASP A 150 4.26 -11.53 -27.18
CA ASP A 150 5.64 -11.23 -27.54
C ASP A 150 6.40 -10.85 -26.28
N ALA A 151 7.66 -11.26 -26.22
CA ALA A 151 8.54 -11.00 -25.07
C ALA A 151 8.75 -9.52 -24.79
N ASP A 152 8.73 -8.70 -25.85
CA ASP A 152 8.96 -7.26 -25.72
C ASP A 152 7.68 -6.44 -25.74
N GLY A 153 6.54 -7.10 -25.54
CA GLY A 153 5.25 -6.41 -25.53
C GLY A 153 4.83 -5.82 -26.86
N GLY A 154 5.45 -6.27 -27.96
CA GLY A 154 5.20 -5.75 -29.31
C GLY A 154 6.11 -4.64 -29.82
N ALA A 155 7.09 -4.20 -29.03
CA ALA A 155 7.93 -3.04 -29.37
C ALA A 155 8.68 -3.16 -30.70
N SER A 156 9.23 -4.33 -30.99
CA SER A 156 10.01 -4.48 -32.23
C SER A 156 9.13 -4.61 -33.49
N LYS A 157 7.88 -5.08 -33.34
CA LYS A 157 6.94 -5.12 -34.46
C LYS A 157 6.20 -3.80 -34.69
N TYR A 158 6.04 -3.01 -33.64
CA TYR A 158 5.20 -1.79 -33.66
C TYR A 158 5.97 -0.62 -33.05
N PRO A 159 6.75 0.12 -33.87
CA PRO A 159 7.63 1.17 -33.31
C PRO A 159 6.94 2.33 -32.61
N THR A 160 5.63 2.49 -32.80
CA THR A 160 4.84 3.45 -32.00
C THR A 160 4.55 2.97 -30.56
N ASN A 161 4.85 1.71 -30.25
CA ASN A 161 4.92 1.24 -28.86
C ASN A 161 6.33 1.46 -28.36
N LEU A 162 6.54 2.58 -27.70
CA LEU A 162 7.83 2.89 -27.06
C LEU A 162 7.87 2.46 -25.58
N ALA A 163 6.77 1.94 -25.06
CA ALA A 163 6.67 1.53 -23.66
C ALA A 163 7.14 0.08 -23.47
N GLY A 164 6.64 -0.82 -24.32
CA GLY A 164 7.09 -2.21 -24.32
C GLY A 164 6.79 -3.01 -23.07
N ALA A 165 7.54 -4.08 -22.86
CA ALA A 165 7.28 -4.98 -21.72
C ALA A 165 7.45 -4.31 -20.36
N LYS A 166 8.35 -3.33 -20.25
N LYS A 166 8.35 -3.33 -20.25
CA LYS A 166 8.54 -2.55 -19.02
CA LYS A 166 8.54 -2.55 -19.02
C LYS A 166 7.27 -1.92 -18.46
C LYS A 166 7.26 -1.93 -18.46
N TYR A 167 6.31 -1.61 -19.34
CA TYR A 167 5.02 -1.03 -18.94
C TYR A 167 3.82 -1.95 -19.21
N GLY A 168 4.08 -3.25 -19.37
CA GLY A 168 2.99 -4.22 -19.46
C GLY A 168 2.15 -4.14 -20.71
N THR A 169 2.78 -3.77 -21.83
CA THR A 169 2.08 -3.74 -23.13
C THR A 169 2.02 -5.12 -23.76
N GLY A 170 1.14 -5.27 -24.75
CA GLY A 170 1.13 -6.47 -25.61
C GLY A 170 0.22 -7.61 -25.20
N TYR A 171 -0.66 -7.37 -24.24
CA TYR A 171 -1.54 -8.46 -23.80
C TYR A 171 -2.42 -8.95 -24.94
N CYS A 172 -2.68 -10.25 -24.91
CA CYS A 172 -3.61 -10.91 -25.78
C CYS A 172 -4.05 -12.16 -25.03
N ASP A 173 -5.24 -12.65 -25.32
CA ASP A 173 -5.65 -13.97 -24.83
C ASP A 173 -6.71 -14.53 -25.75
N SER A 174 -7.29 -15.68 -25.42
CA SER A 174 -8.19 -16.38 -26.35
C SER A 174 -9.60 -15.78 -26.39
N GLN A 175 -9.89 -14.84 -25.48
CA GLN A 175 -11.12 -14.06 -25.54
C GLN A 175 -11.03 -12.93 -26.57
N CYS A 176 -9.84 -12.69 -27.12
CA CYS A 176 -9.60 -11.56 -28.03
C CYS A 176 -10.12 -10.26 -27.40
N PRO A 177 -9.58 -9.91 -26.23
CA PRO A 177 -10.20 -8.85 -25.43
C PRO A 177 -10.19 -7.50 -26.15
N ARG A 178 -11.34 -6.83 -26.14
CA ARG A 178 -11.51 -5.51 -26.77
C ARG A 178 -11.51 -4.38 -25.75
N ASP A 179 -11.37 -4.72 -24.47
CA ASP A 179 -11.31 -3.72 -23.41
C ASP A 179 -9.93 -3.06 -23.26
N LEU A 180 -8.96 -3.52 -24.06
CA LEU A 180 -7.61 -2.98 -24.07
C LEU A 180 -7.55 -1.60 -24.72
N LYS A 181 -6.91 -0.68 -24.02
CA LYS A 181 -6.75 0.71 -24.47
C LYS A 181 -5.66 0.86 -25.53
N PHE A 182 -4.61 0.06 -25.42
CA PHE A 182 -3.54 0.01 -26.43
C PHE A 182 -3.35 -1.41 -26.94
N ILE A 183 -3.41 -1.56 -28.27
CA ILE A 183 -3.15 -2.82 -28.96
C ILE A 183 -2.19 -2.53 -30.11
N SER A 184 -1.06 -3.23 -30.13
CA SER A 184 -0.06 -3.16 -31.21
C SER A 184 0.40 -1.75 -31.56
N GLY A 185 0.71 -0.95 -30.54
CA GLY A 185 1.23 0.40 -30.74
C GLY A 185 0.22 1.45 -31.19
N GLN A 186 -1.07 1.11 -31.13
CA GLN A 186 -2.10 2.09 -31.42
C GLN A 186 -3.09 2.07 -30.28
N ALA A 187 -3.75 3.19 -30.04
CA ALA A 187 -4.82 3.25 -29.06
C ALA A 187 -6.06 2.58 -29.64
N ASN A 188 -7.08 2.36 -28.82
CA ASN A 188 -8.30 1.66 -29.22
C ASN A 188 -9.43 2.69 -29.10
N VAL A 189 -9.33 3.78 -29.86
CA VAL A 189 -10.27 4.89 -29.72
C VAL A 189 -11.44 4.83 -30.69
N GLU A 190 -11.17 4.45 -31.95
CA GLU A 190 -12.21 4.42 -33.01
C GLU A 190 -13.24 3.32 -32.72
N GLY A 191 -14.50 3.73 -32.59
CA GLY A 191 -15.60 2.83 -32.20
C GLY A 191 -15.72 2.49 -30.72
N TRP A 192 -14.91 3.14 -29.89
CA TRP A 192 -14.91 2.83 -28.45
C TRP A 192 -16.28 3.10 -27.85
N GLN A 193 -16.80 2.15 -27.09
N GLN A 193 -16.75 2.15 -27.05
CA GLN A 193 -18.07 2.29 -26.39
CA GLN A 193 -18.04 2.23 -26.38
C GLN A 193 -17.83 2.09 -24.90
C GLN A 193 -17.81 2.07 -24.89
N PRO A 194 -18.21 3.06 -24.07
CA PRO A 194 -18.06 2.88 -22.60
C PRO A 194 -18.99 1.78 -22.08
N SER A 195 -18.54 1.03 -21.08
CA SER A 195 -19.34 -0.01 -20.48
C SER A 195 -20.56 0.58 -19.77
N SER A 196 -21.68 -0.12 -19.86
CA SER A 196 -22.91 0.31 -19.20
C SER A 196 -22.82 0.14 -17.67
N ASN A 197 -22.19 -0.93 -17.22
CA ASN A 197 -22.17 -1.28 -15.79
C ASN A 197 -20.82 -1.04 -15.08
N ASN A 198 -19.88 -0.37 -15.75
CA ASN A 198 -18.54 -0.13 -15.19
C ASN A 198 -17.98 1.22 -15.66
N ALA A 199 -17.76 2.12 -14.70
CA ALA A 199 -17.32 3.49 -15.00
C ALA A 199 -15.88 3.60 -15.49
N ASN A 200 -15.09 2.54 -15.32
CA ASN A 200 -13.66 2.56 -15.65
C ASN A 200 -13.28 1.83 -16.93
N THR A 201 -14.20 1.06 -17.49
CA THR A 201 -13.89 0.19 -18.63
C THR A 201 -14.79 0.48 -19.82
N GLY A 202 -14.39 -0.02 -20.98
CA GLY A 202 -15.18 0.03 -22.21
C GLY A 202 -14.75 -1.05 -23.17
N ILE A 203 -15.30 -1.00 -24.38
CA ILE A 203 -15.11 -2.01 -25.42
C ILE A 203 -14.75 -1.26 -26.70
N GLY A 204 -13.57 -1.55 -27.24
CA GLY A 204 -13.07 -0.92 -28.44
C GLY A 204 -13.40 -1.67 -29.70
N GLY A 205 -13.10 -1.04 -30.84
CA GLY A 205 -13.31 -1.66 -32.12
C GLY A 205 -12.34 -2.79 -32.42
N HIS A 206 -11.18 -2.79 -31.75
CA HIS A 206 -10.21 -3.87 -31.90
C HIS A 206 -10.09 -4.72 -30.67
N GLY A 207 -9.73 -5.98 -30.87
CA GLY A 207 -9.33 -6.88 -29.81
C GLY A 207 -7.97 -7.47 -30.11
N SER A 208 -7.45 -8.22 -29.12
CA SER A 208 -6.10 -8.74 -29.19
C SER A 208 -6.10 -10.24 -28.89
N CYS A 209 -5.99 -11.04 -29.95
CA CYS A 209 -6.10 -12.50 -29.90
C CYS A 209 -4.77 -13.22 -29.77
N CYS A 210 -4.69 -14.22 -28.89
CA CYS A 210 -3.62 -15.23 -28.96
C CYS A 210 -3.93 -16.44 -28.11
N SER A 211 -3.17 -17.51 -28.36
CA SER A 211 -3.30 -18.77 -27.65
C SER A 211 -3.19 -18.60 -26.14
N GLU A 212 -3.98 -19.38 -25.41
CA GLU A 212 -4.06 -19.27 -23.96
C GLU A 212 -4.15 -20.64 -23.29
N MET A 213 -3.29 -20.87 -22.31
N MET A 213 -3.29 -20.87 -22.31
CA MET A 213 -3.34 -22.06 -21.47
CA MET A 213 -3.34 -22.05 -21.46
C MET A 213 -3.68 -21.63 -20.05
C MET A 213 -3.68 -21.60 -20.05
N ASP A 214 -4.94 -21.79 -19.66
CA ASP A 214 -5.39 -21.42 -18.32
C ASP A 214 -5.08 -22.54 -17.34
N ILE A 215 -3.92 -22.46 -16.71
CA ILE A 215 -3.50 -23.45 -15.72
C ILE A 215 -4.45 -23.43 -14.53
N TRP A 216 -4.77 -22.23 -14.06
CA TRP A 216 -5.46 -22.09 -12.79
C TRP A 216 -6.40 -20.90 -12.84
N GLU A 217 -7.70 -21.20 -12.78
CA GLU A 217 -8.72 -20.19 -12.56
C GLU A 217 -9.54 -20.71 -11.42
N ALA A 218 -9.49 -20.00 -10.28
CA ALA A 218 -10.03 -20.56 -9.06
C ALA A 218 -10.37 -19.55 -7.97
N ASN A 219 -11.23 -19.97 -7.07
CA ASN A 219 -11.41 -19.32 -5.78
C ASN A 219 -11.46 -20.44 -4.74
N SER A 220 -11.94 -20.15 -3.53
CA SER A 220 -12.04 -21.17 -2.48
C SER A 220 -13.10 -22.23 -2.76
N ILE A 221 -13.99 -21.98 -3.73
CA ILE A 221 -15.08 -22.91 -4.00
C ILE A 221 -14.83 -23.83 -5.18
N SER A 222 -14.39 -23.27 -6.31
CA SER A 222 -14.16 -24.06 -7.52
C SER A 222 -12.87 -23.67 -8.22
N GLN A 223 -12.46 -24.54 -9.14
CA GLN A 223 -11.25 -24.36 -9.92
C GLN A 223 -11.40 -25.04 -11.28
N ALA A 224 -10.72 -24.47 -12.27
CA ALA A 224 -10.70 -25.01 -13.64
C ALA A 224 -9.32 -24.90 -14.29
N LEU A 225 -9.06 -25.87 -15.17
CA LEU A 225 -7.83 -25.99 -15.98
C LEU A 225 -8.30 -26.08 -17.43
N THR A 226 -7.88 -25.14 -18.27
CA THR A 226 -8.52 -24.96 -19.60
C THR A 226 -7.54 -24.52 -20.71
N PRO A 227 -7.22 -25.41 -21.66
CA PRO A 227 -6.52 -24.95 -22.88
C PRO A 227 -7.48 -24.27 -23.87
N HIS A 228 -7.01 -23.17 -24.50
CA HIS A 228 -7.74 -22.43 -25.54
C HIS A 228 -6.82 -22.26 -26.77
N PRO A 229 -7.07 -23.02 -27.85
CA PRO A 229 -6.28 -22.82 -29.06
C PRO A 229 -6.76 -21.61 -29.88
N CYS A 230 -5.85 -21.05 -30.68
CA CYS A 230 -6.20 -20.07 -31.70
C CYS A 230 -5.64 -20.53 -33.05
N GLU A 231 -6.28 -20.08 -34.13
CA GLU A 231 -5.87 -20.45 -35.49
C GLU A 231 -4.47 -19.91 -35.85
N THR A 232 -4.13 -18.75 -35.30
CA THR A 232 -2.76 -18.23 -35.28
C THR A 232 -2.26 -18.33 -33.85
N VAL A 233 -1.05 -18.85 -33.69
CA VAL A 233 -0.51 -19.11 -32.35
C VAL A 233 -0.33 -17.81 -31.56
N GLY A 234 0.35 -16.85 -32.19
CA GLY A 234 0.73 -15.58 -31.57
C GLY A 234 -0.32 -14.49 -31.73
N GLN A 235 0.08 -13.28 -31.37
CA GLN A 235 -0.84 -12.16 -31.31
C GLN A 235 -1.33 -11.76 -32.69
N VAL A 236 -2.64 -11.63 -32.83
N VAL A 236 -2.64 -11.54 -32.76
CA VAL A 236 -3.23 -10.96 -33.99
CA VAL A 236 -3.33 -11.06 -33.93
C VAL A 236 -4.32 -10.02 -33.51
C VAL A 236 -4.33 -9.99 -33.47
N THR A 237 -4.49 -8.92 -34.24
CA THR A 237 -5.54 -7.93 -33.95
C THR A 237 -6.83 -8.30 -34.71
N CYS A 238 -7.96 -8.28 -34.02
CA CYS A 238 -9.27 -8.60 -34.61
C CYS A 238 -10.13 -7.36 -34.54
N SER A 239 -11.22 -7.37 -35.31
CA SER A 239 -12.15 -6.25 -35.37
C SER A 239 -13.52 -6.66 -34.92
N GLY A 240 -14.04 -5.96 -33.92
CA GLY A 240 -15.45 -6.08 -33.53
C GLY A 240 -15.92 -7.49 -33.22
N ASP A 241 -17.07 -7.86 -33.79
CA ASP A 241 -17.67 -9.18 -33.57
C ASP A 241 -16.79 -10.34 -34.05
N ASP A 242 -15.90 -10.09 -35.02
CA ASP A 242 -14.93 -11.11 -35.47
C ASP A 242 -13.82 -11.39 -34.46
N CYS A 243 -13.81 -10.69 -33.34
CA CYS A 243 -13.05 -11.10 -32.16
C CYS A 243 -13.66 -12.29 -31.42
N GLY A 244 -14.96 -12.52 -31.62
CA GLY A 244 -15.70 -13.46 -30.82
C GLY A 244 -15.65 -13.09 -29.35
N GLY A 245 -15.81 -14.10 -28.49
CA GLY A 245 -15.73 -13.91 -27.06
C GLY A 245 -17.02 -13.36 -26.48
N THR A 246 -16.95 -13.01 -25.21
CA THR A 246 -18.15 -12.61 -24.46
C THR A 246 -18.76 -11.29 -24.93
N TYR A 247 -17.93 -10.34 -25.36
CA TYR A 247 -18.43 -9.03 -25.81
C TYR A 247 -18.56 -8.96 -27.34
N SER A 248 -19.25 -9.93 -27.90
N SER A 248 -19.28 -9.93 -27.89
CA SER A 248 -19.48 -9.98 -29.34
CA SER A 248 -19.56 -10.03 -29.32
C SER A 248 -20.77 -10.72 -29.59
C SER A 248 -20.97 -10.55 -29.53
N ASN A 249 -21.50 -10.28 -30.62
N ASN A 249 -21.54 -10.26 -30.69
CA ASN A 249 -22.80 -10.85 -30.94
CA ASN A 249 -22.81 -10.82 -31.10
C ASN A 249 -22.72 -12.32 -31.38
C ASN A 249 -22.72 -12.31 -31.38
N ASN A 250 -21.58 -12.75 -31.93
CA ASN A 250 -21.30 -14.18 -32.17
C ASN A 250 -20.00 -14.57 -31.45
N ARG A 251 -20.18 -15.15 -30.26
CA ARG A 251 -19.12 -15.74 -29.44
C ARG A 251 -18.06 -16.54 -30.24
N TYR A 252 -18.52 -17.25 -31.26
CA TYR A 252 -17.73 -18.22 -32.02
C TYR A 252 -17.33 -17.77 -33.42
N GLY A 253 -17.58 -16.50 -33.72
CA GLY A 253 -17.24 -15.91 -35.00
C GLY A 253 -15.79 -15.47 -35.18
N GLY A 254 -14.94 -15.66 -34.19
CA GLY A 254 -13.52 -15.30 -34.32
C GLY A 254 -12.55 -16.43 -34.68
N THR A 255 -11.27 -16.14 -34.49
CA THR A 255 -10.18 -17.05 -34.80
C THR A 255 -9.63 -17.82 -33.58
N CYS A 256 -10.12 -17.50 -32.37
CA CYS A 256 -9.74 -18.21 -31.15
C CYS A 256 -10.93 -18.95 -30.59
N ASP A 257 -10.63 -19.89 -29.71
CA ASP A 257 -11.64 -20.63 -28.98
C ASP A 257 -11.83 -20.00 -27.60
N PRO A 258 -12.94 -19.27 -27.39
CA PRO A 258 -13.14 -18.64 -26.09
C PRO A 258 -13.67 -19.56 -24.98
N ASP A 259 -14.13 -20.76 -25.33
CA ASP A 259 -14.63 -21.71 -24.36
C ASP A 259 -13.54 -22.55 -23.72
N GLY A 260 -12.76 -23.20 -24.58
CA GLY A 260 -11.67 -24.06 -24.13
C GLY A 260 -12.14 -25.46 -23.80
N CYS A 261 -11.18 -26.36 -23.62
CA CYS A 261 -11.47 -27.70 -23.15
C CYS A 261 -11.21 -27.66 -21.66
N ASP A 262 -12.23 -27.28 -20.90
CA ASP A 262 -12.07 -26.99 -19.47
C ASP A 262 -12.20 -28.26 -18.62
N TRP A 263 -11.38 -28.37 -17.58
CA TRP A 263 -11.50 -29.43 -16.60
C TRP A 263 -11.73 -28.79 -15.21
N ASN A 264 -12.98 -28.86 -14.75
CA ASN A 264 -13.37 -28.47 -13.41
C ASN A 264 -13.88 -29.75 -12.73
N PRO A 265 -13.17 -30.24 -11.69
CA PRO A 265 -13.56 -31.52 -11.06
C PRO A 265 -15.01 -31.57 -10.60
N TYR A 266 -15.54 -30.45 -10.11
CA TYR A 266 -16.95 -30.39 -9.69
C TYR A 266 -17.89 -30.55 -10.89
N ARG A 267 -17.61 -29.82 -11.95
CA ARG A 267 -18.37 -29.93 -13.19
C ARG A 267 -18.35 -31.36 -13.76
N LEU A 268 -17.23 -32.06 -13.55
CA LEU A 268 -17.10 -33.47 -13.97
C LEU A 268 -17.46 -34.47 -12.85
N GLY A 269 -18.39 -34.07 -11.99
CA GLY A 269 -19.07 -34.99 -11.09
C GLY A 269 -18.42 -35.32 -9.76
N ASN A 270 -17.33 -34.61 -9.41
CA ASN A 270 -16.70 -34.83 -8.11
C ASN A 270 -16.95 -33.63 -7.17
N HIS A 271 -17.92 -33.81 -6.29
CA HIS A 271 -18.39 -32.72 -5.44
C HIS A 271 -17.67 -32.64 -4.10
N THR A 272 -16.75 -33.58 -3.83
CA THR A 272 -16.00 -33.61 -2.55
C THR A 272 -14.48 -33.45 -2.72
N PHE A 273 -14.00 -33.14 -3.92
CA PHE A 273 -12.56 -33.08 -4.14
C PHE A 273 -11.94 -31.75 -3.69
N TYR A 274 -12.59 -30.63 -4.01
CA TYR A 274 -12.01 -29.31 -3.82
C TYR A 274 -13.02 -28.39 -3.14
N GLY A 275 -12.65 -27.87 -1.99
CA GLY A 275 -13.52 -26.97 -1.26
C GLY A 275 -12.97 -26.59 0.10
N PRO A 276 -13.69 -25.69 0.82
CA PRO A 276 -13.19 -25.25 2.13
C PRO A 276 -13.36 -26.30 3.22
N GLY A 277 -12.26 -26.66 3.88
CA GLY A 277 -12.30 -27.47 5.07
C GLY A 277 -12.13 -28.96 4.88
N SER A 278 -12.27 -29.67 6.01
CA SER A 278 -11.92 -31.10 6.06
C SER A 278 -12.93 -32.03 5.40
N GLY A 279 -14.05 -31.51 4.91
CA GLY A 279 -14.95 -32.29 4.07
C GLY A 279 -14.45 -32.51 2.63
N PHE A 280 -13.32 -31.90 2.28
CA PHE A 280 -12.79 -31.95 0.93
C PHE A 280 -11.40 -32.55 0.89
N THR A 281 -11.11 -33.28 -0.19
CA THR A 281 -9.80 -33.86 -0.40
C THR A 281 -8.73 -32.77 -0.39
N VAL A 282 -8.93 -31.72 -1.19
CA VAL A 282 -8.07 -30.55 -1.20
C VAL A 282 -8.82 -29.44 -0.46
N ASP A 283 -8.28 -29.04 0.69
CA ASP A 283 -8.88 -28.08 1.61
C ASP A 283 -8.40 -26.69 1.23
N THR A 284 -9.34 -25.86 0.77
CA THR A 284 -9.00 -24.53 0.28
C THR A 284 -8.76 -23.48 1.36
N THR A 285 -8.90 -23.86 2.63
CA THR A 285 -8.47 -22.98 3.74
C THR A 285 -6.95 -23.07 3.98
N LYS A 286 -6.28 -23.99 3.30
CA LYS A 286 -4.85 -24.22 3.48
C LYS A 286 -4.15 -24.16 2.13
N LYS A 287 -2.85 -23.89 2.18
CA LYS A 287 -2.03 -23.81 0.99
C LYS A 287 -2.11 -25.07 0.13
N ILE A 288 -2.12 -24.88 -1.19
CA ILE A 288 -2.20 -25.99 -2.16
C ILE A 288 -1.04 -25.84 -3.13
N THR A 289 -0.36 -26.95 -3.41
CA THR A 289 0.58 -27.02 -4.52
C THR A 289 -0.16 -27.62 -5.70
N VAL A 290 -0.05 -26.95 -6.86
CA VAL A 290 -0.75 -27.34 -8.07
C VAL A 290 0.32 -27.58 -9.13
N VAL A 291 0.36 -28.81 -9.65
CA VAL A 291 1.37 -29.25 -10.63
C VAL A 291 0.66 -29.65 -11.92
N THR A 292 1.13 -29.11 -13.05
CA THR A 292 0.49 -29.31 -14.34
C THR A 292 1.57 -29.72 -15.34
N GLN A 293 1.32 -30.83 -16.05
CA GLN A 293 2.31 -31.52 -16.87
C GLN A 293 1.78 -31.60 -18.29
N PHE A 294 2.61 -31.22 -19.26
CA PHE A 294 2.18 -31.07 -20.65
C PHE A 294 2.92 -32.02 -21.56
N SER A 295 2.20 -32.84 -22.31
N SER A 295 2.17 -32.79 -22.34
CA SER A 295 2.81 -33.71 -23.31
CA SER A 295 2.72 -33.78 -23.25
C SER A 295 1.95 -33.68 -24.56
C SER A 295 1.94 -33.67 -24.56
N SER A 296 2.45 -34.26 -25.64
CA SER A 296 1.74 -34.22 -26.93
C SER A 296 0.38 -34.93 -26.88
N THR A 297 0.25 -35.89 -25.97
CA THR A 297 -0.99 -36.63 -25.81
C THR A 297 -1.96 -36.01 -24.81
N GLY A 298 -1.48 -35.12 -23.94
CA GLY A 298 -2.41 -34.44 -23.06
C GLY A 298 -1.80 -33.69 -21.91
N ILE A 299 -2.69 -33.15 -21.08
CA ILE A 299 -2.30 -32.38 -19.92
C ILE A 299 -2.71 -33.15 -18.69
N ASN A 300 -1.77 -33.37 -17.79
CA ASN A 300 -2.05 -34.04 -16.52
C ASN A 300 -1.82 -33.11 -15.34
N ARG A 301 -2.44 -33.46 -14.22
CA ARG A 301 -2.57 -32.60 -13.05
C ARG A 301 -2.48 -33.43 -11.76
N TYR A 302 -1.67 -32.96 -10.82
CA TYR A 302 -1.75 -33.46 -9.45
C TYR A 302 -1.61 -32.31 -8.48
N TYR A 303 -1.99 -32.56 -7.24
CA TYR A 303 -1.97 -31.56 -6.17
C TYR A 303 -1.17 -32.12 -5.03
N VAL A 304 -0.47 -31.25 -4.31
CA VAL A 304 0.15 -31.61 -3.05
C VAL A 304 -0.35 -30.68 -1.97
N GLN A 305 -0.88 -31.24 -0.90
CA GLN A 305 -1.28 -30.46 0.26
C GLN A 305 -0.85 -31.20 1.49
N ASN A 306 -0.15 -30.48 2.36
CA ASN A 306 0.45 -31.04 3.55
C ASN A 306 1.30 -32.28 3.27
N GLY A 307 2.05 -32.23 2.17
CA GLY A 307 2.94 -33.33 1.81
C GLY A 307 2.26 -34.51 1.12
N VAL A 308 0.93 -34.53 1.07
CA VAL A 308 0.20 -35.62 0.44
C VAL A 308 -0.07 -35.31 -1.03
N LYS A 309 0.30 -36.23 -1.91
CA LYS A 309 0.05 -36.09 -3.34
C LYS A 309 -1.31 -36.70 -3.69
N PHE A 310 -2.17 -35.90 -4.33
CA PHE A 310 -3.48 -36.33 -4.86
C PHE A 310 -3.50 -36.10 -6.37
N VAL A 311 -3.62 -37.17 -7.14
CA VAL A 311 -3.80 -37.02 -8.60
C VAL A 311 -5.18 -36.44 -8.90
N GLN A 312 -5.30 -35.79 -10.06
CA GLN A 312 -6.59 -35.32 -10.56
C GLN A 312 -7.59 -36.48 -10.49
N PRO A 313 -8.78 -36.25 -9.89
CA PRO A 313 -9.79 -37.30 -9.88
C PRO A 313 -10.27 -37.65 -11.28
N ASN A 314 -10.73 -38.87 -11.44
CA ASN A 314 -11.35 -39.28 -12.68
C ASN A 314 -12.64 -38.51 -12.96
N ALA A 315 -12.89 -38.23 -14.23
CA ALA A 315 -14.19 -37.72 -14.65
C ALA A 315 -15.28 -38.72 -14.21
N SER A 316 -16.33 -38.24 -13.56
CA SER A 316 -17.36 -39.12 -13.03
C SER A 316 -18.71 -38.82 -13.69
N GLY A 317 -19.33 -39.86 -14.23
CA GLY A 317 -20.62 -39.72 -14.91
C GLY A 317 -20.55 -38.91 -16.20
N LEU A 318 -19.40 -38.93 -16.87
CA LEU A 318 -19.23 -38.30 -18.18
C LEU A 318 -19.22 -39.43 -19.18
N SER A 319 -20.25 -39.48 -20.00
CA SER A 319 -20.44 -40.58 -20.92
C SER A 319 -19.23 -40.68 -21.83
N GLY A 320 -18.66 -41.86 -21.88
CA GLY A 320 -17.59 -42.14 -22.82
C GLY A 320 -16.20 -41.72 -22.41
N TYR A 321 -16.01 -41.23 -21.17
CA TYR A 321 -14.67 -40.89 -20.70
C TYR A 321 -14.49 -41.10 -19.19
N THR A 322 -13.59 -42.01 -18.83
CA THR A 322 -13.32 -42.36 -17.42
C THR A 322 -11.91 -41.96 -16.91
N GLY A 323 -11.11 -41.29 -17.74
CA GLY A 323 -9.76 -40.85 -17.36
C GLY A 323 -9.71 -39.63 -16.46
N ASN A 324 -8.48 -39.15 -16.22
CA ASN A 324 -8.23 -37.92 -15.44
C ASN A 324 -7.32 -36.93 -16.17
N THR A 325 -7.26 -37.07 -17.50
CA THR A 325 -6.31 -36.36 -18.34
C THR A 325 -7.07 -35.52 -19.34
N ILE A 326 -6.62 -34.29 -19.56
CA ILE A 326 -7.13 -33.51 -20.68
C ILE A 326 -6.40 -34.03 -21.91
N ASN A 327 -7.11 -34.84 -22.69
CA ASN A 327 -6.59 -35.36 -23.95
C ASN A 327 -7.69 -35.21 -24.99
N SER A 328 -7.39 -35.59 -26.23
CA SER A 328 -8.39 -35.45 -27.29
C SER A 328 -9.70 -36.19 -26.98
N ALA A 329 -9.60 -37.37 -26.37
CA ALA A 329 -10.79 -38.14 -25.96
C ALA A 329 -11.68 -37.36 -25.00
N TYR A 330 -11.07 -36.78 -23.96
CA TYR A 330 -11.83 -36.01 -22.98
C TYR A 330 -12.54 -34.84 -23.68
N CYS A 331 -11.77 -34.07 -24.44
CA CYS A 331 -12.28 -32.85 -25.03
C CYS A 331 -13.46 -33.11 -25.95
N SER A 332 -13.37 -34.19 -26.73
CA SER A 332 -14.48 -34.62 -27.57
C SER A 332 -15.68 -35.13 -26.76
N ALA A 333 -15.41 -35.92 -25.72
CA ALA A 333 -16.48 -36.41 -24.85
C ALA A 333 -17.17 -35.27 -24.11
N GLU A 334 -16.42 -34.22 -23.77
CA GLU A 334 -17.01 -33.06 -23.10
C GLU A 334 -17.96 -32.33 -24.05
N GLN A 335 -17.49 -32.07 -25.27
CA GLN A 335 -18.33 -31.47 -26.29
C GLN A 335 -19.61 -32.27 -26.54
N THR A 336 -19.46 -33.60 -26.63
CA THR A 336 -20.58 -34.48 -26.89
C THR A 336 -21.60 -34.42 -25.76
N ALA A 337 -21.15 -34.47 -24.52
CA ALA A 337 -22.05 -34.46 -23.37
C ALA A 337 -22.64 -33.07 -23.06
N PHE A 338 -21.78 -32.05 -23.09
CA PHE A 338 -22.17 -30.69 -22.65
C PHE A 338 -22.60 -29.76 -23.77
N GLY A 339 -22.18 -30.06 -25.00
CA GLY A 339 -22.54 -29.28 -26.19
C GLY A 339 -21.37 -28.43 -26.62
N GLY A 340 -21.40 -27.99 -27.86
CA GLY A 340 -20.42 -27.05 -28.39
C GLY A 340 -19.41 -27.73 -29.27
N THR A 341 -18.79 -26.95 -30.16
CA THR A 341 -17.74 -27.41 -31.06
C THR A 341 -16.52 -26.49 -31.13
N SER A 342 -16.44 -25.47 -30.28
CA SER A 342 -15.44 -24.40 -30.44
C SER A 342 -14.01 -24.92 -30.34
N PHE A 343 -13.74 -25.74 -29.32
CA PHE A 343 -12.38 -26.22 -29.07
C PHE A 343 -11.82 -26.99 -30.27
N THR A 344 -12.60 -27.94 -30.78
CA THR A 344 -12.16 -28.70 -31.96
C THR A 344 -12.27 -27.89 -33.27
N ASP A 345 -13.22 -26.96 -33.35
CA ASP A 345 -13.30 -26.06 -34.51
C ASP A 345 -12.01 -25.26 -34.69
N LYS A 346 -11.38 -24.87 -33.58
CA LYS A 346 -10.16 -24.04 -33.62
C LYS A 346 -8.85 -24.83 -33.58
N GLY A 347 -8.93 -26.14 -33.81
CA GLY A 347 -7.75 -26.99 -34.00
C GLY A 347 -7.46 -27.92 -32.82
N GLY A 348 -8.19 -27.77 -31.72
CA GLY A 348 -8.07 -28.68 -30.59
C GLY A 348 -6.68 -28.74 -29.96
N LEU A 349 -6.35 -29.89 -29.38
CA LEU A 349 -5.07 -30.05 -28.70
C LEU A 349 -3.87 -29.96 -29.65
N THR A 350 -4.03 -30.42 -30.89
CA THR A 350 -2.94 -30.28 -31.86
C THR A 350 -2.54 -28.81 -32.03
N GLN A 351 -3.55 -27.95 -32.13
CA GLN A 351 -3.30 -26.51 -32.34
C GLN A 351 -2.79 -25.85 -31.06
N MET A 352 -3.34 -26.25 -29.91
CA MET A 352 -2.81 -25.82 -28.60
C MET A 352 -1.33 -26.19 -28.46
N ASN A 353 -1.01 -27.43 -28.83
CA ASN A 353 0.39 -27.92 -28.70
C ASN A 353 1.40 -27.07 -29.48
N LYS A 354 0.96 -26.44 -30.58
CA LYS A 354 1.81 -25.50 -31.32
C LYS A 354 2.20 -24.32 -30.45
N ALA A 355 1.26 -23.79 -29.67
CA ALA A 355 1.56 -22.71 -28.73
C ALA A 355 2.42 -23.21 -27.58
N LEU A 356 2.13 -24.41 -27.11
CA LEU A 356 2.91 -25.02 -26.05
C LEU A 356 4.35 -25.34 -26.49
N SER A 357 4.58 -25.41 -27.80
CA SER A 357 5.94 -25.63 -28.35
C SER A 357 6.72 -24.34 -28.63
N GLY A 358 6.11 -23.20 -28.33
CA GLY A 358 6.72 -21.88 -28.43
C GLY A 358 6.66 -21.22 -27.08
N GLY A 359 7.21 -20.02 -26.97
CA GLY A 359 7.20 -19.30 -25.72
C GLY A 359 5.82 -18.78 -25.38
N MET A 360 5.48 -18.84 -24.08
CA MET A 360 4.30 -18.18 -23.57
C MET A 360 4.69 -17.45 -22.28
N VAL A 361 3.97 -16.35 -22.04
CA VAL A 361 4.23 -15.45 -20.93
C VAL A 361 3.30 -15.82 -19.76
N LEU A 362 3.84 -15.78 -18.55
CA LEU A 362 3.10 -16.13 -17.34
C LEU A 362 2.32 -14.93 -16.84
N VAL A 363 1.01 -15.13 -16.66
CA VAL A 363 0.09 -14.09 -16.21
C VAL A 363 -0.42 -14.49 -14.83
N LEU A 364 -0.41 -13.55 -13.89
CA LEU A 364 -0.91 -13.75 -12.55
C LEU A 364 -1.92 -12.63 -12.33
N SER A 365 -3.15 -12.98 -11.99
CA SER A 365 -4.22 -12.00 -11.89
C SER A 365 -5.26 -12.30 -10.85
N LEU A 366 -6.06 -11.27 -10.57
CA LEU A 366 -7.23 -11.38 -9.74
C LEU A 366 -8.31 -10.51 -10.36
N TRP A 367 -9.49 -11.09 -10.60
CA TRP A 367 -10.58 -10.33 -11.17
C TRP A 367 -11.94 -10.80 -10.69
N ASP A 368 -12.91 -9.91 -10.84
CA ASP A 368 -14.34 -10.26 -10.76
C ASP A 368 -14.96 -9.99 -12.15
N ASP A 369 -16.18 -10.48 -12.36
CA ASP A 369 -16.72 -10.74 -13.68
C ASP A 369 -18.02 -10.00 -13.92
N TYR A 370 -17.92 -8.92 -14.70
CA TYR A 370 -19.07 -8.08 -15.03
C TYR A 370 -20.06 -8.74 -15.97
N ALA A 371 -19.58 -9.67 -16.81
CA ALA A 371 -20.44 -10.31 -17.79
C ALA A 371 -21.32 -11.40 -17.19
N ALA A 372 -20.76 -12.22 -16.31
CA ALA A 372 -21.43 -13.43 -15.82
C ALA A 372 -21.18 -13.80 -14.33
N ASN A 373 -20.69 -12.86 -13.52
CA ASN A 373 -20.59 -13.03 -12.06
C ASN A 373 -19.79 -14.27 -11.59
N MET A 374 -18.91 -14.76 -12.45
CA MET A 374 -18.11 -15.95 -12.22
C MET A 374 -18.97 -17.22 -12.02
N LEU A 375 -20.22 -17.17 -12.46
CA LEU A 375 -21.13 -18.29 -12.27
C LEU A 375 -20.67 -19.50 -13.08
N TRP A 376 -20.11 -19.24 -14.25
CA TRP A 376 -19.49 -20.28 -15.10
C TRP A 376 -18.40 -21.12 -14.37
N LEU A 377 -17.73 -20.51 -13.38
CA LEU A 377 -16.71 -21.19 -12.60
C LEU A 377 -17.25 -21.90 -11.35
N ASP A 378 -18.09 -21.21 -10.57
CA ASP A 378 -18.40 -21.65 -9.22
C ASP A 378 -19.88 -21.88 -8.85
N SER A 379 -20.78 -21.81 -9.83
CA SER A 379 -22.22 -21.97 -9.55
C SER A 379 -22.84 -22.85 -10.62
N THR A 380 -24.14 -22.65 -10.86
CA THR A 380 -24.86 -23.28 -11.95
C THR A 380 -25.01 -22.26 -13.10
N TYR A 381 -24.68 -22.68 -14.32
CA TYR A 381 -24.60 -21.78 -15.47
C TYR A 381 -24.76 -22.58 -16.77
N PRO A 382 -25.45 -22.08 -17.80
CA PRO A 382 -26.19 -20.81 -17.81
C PRO A 382 -27.37 -20.77 -16.85
N THR A 383 -27.94 -19.58 -16.67
CA THR A 383 -29.05 -19.35 -15.75
C THR A 383 -30.32 -20.16 -16.07
N ASN A 384 -30.59 -20.37 -17.36
CA ASN A 384 -31.73 -21.18 -17.81
C ASN A 384 -31.60 -22.67 -17.49
N ASP A 385 -30.37 -23.17 -17.39
CA ASP A 385 -30.13 -24.57 -17.02
C ASP A 385 -30.23 -24.76 -15.51
N THR A 386 -30.25 -26.03 -15.10
CA THR A 386 -30.27 -26.41 -13.68
C THR A 386 -29.28 -27.56 -13.46
N ALA A 387 -29.08 -27.96 -12.21
CA ALA A 387 -28.09 -29.00 -11.86
C ALA A 387 -28.27 -30.36 -12.56
N SER A 388 -29.44 -30.62 -13.14
CA SER A 388 -29.69 -31.83 -13.93
C SER A 388 -29.18 -31.72 -15.37
N THR A 389 -29.01 -30.50 -15.86
CA THR A 389 -28.48 -30.26 -17.20
C THR A 389 -26.99 -30.64 -17.21
N PRO A 390 -26.55 -31.50 -18.17
CA PRO A 390 -25.14 -31.89 -18.24
C PRO A 390 -24.20 -30.69 -18.31
N GLY A 391 -23.27 -30.62 -17.37
CA GLY A 391 -22.27 -29.56 -17.35
C GLY A 391 -22.72 -28.26 -16.71
N ALA A 392 -23.98 -28.16 -16.31
CA ALA A 392 -24.48 -26.91 -15.75
C ALA A 392 -23.89 -26.57 -14.38
N ALA A 393 -23.75 -27.58 -13.51
CA ALA A 393 -23.25 -27.40 -12.14
C ALA A 393 -21.71 -27.36 -12.09
N ARG A 394 -21.14 -26.19 -11.76
CA ARG A 394 -19.66 -26.02 -11.66
C ARG A 394 -19.14 -25.77 -10.24
N GLY A 395 -20.05 -25.46 -9.32
CA GLY A 395 -19.70 -25.26 -7.94
C GLY A 395 -20.95 -25.02 -7.13
N THR A 396 -20.73 -24.76 -5.85
CA THR A 396 -21.80 -24.65 -4.87
C THR A 396 -22.28 -23.21 -4.61
N CYS A 397 -21.68 -22.21 -5.25
CA CYS A 397 -22.10 -20.80 -5.04
C CYS A 397 -23.53 -20.60 -5.52
N SER A 398 -24.26 -19.75 -4.83
CA SER A 398 -25.61 -19.40 -5.21
C SER A 398 -25.61 -18.78 -6.60
N THR A 399 -26.67 -19.02 -7.37
CA THR A 399 -26.83 -18.31 -8.66
C THR A 399 -26.99 -16.78 -8.55
N SER A 400 -27.30 -16.27 -7.35
N SER A 400 -27.30 -16.26 -7.36
CA SER A 400 -27.33 -14.84 -7.08
CA SER A 400 -27.32 -14.82 -7.11
C SER A 400 -25.97 -14.24 -6.72
C SER A 400 -25.97 -14.23 -6.71
N SER A 401 -24.94 -15.08 -6.60
CA SER A 401 -23.62 -14.65 -6.13
C SER A 401 -22.80 -13.95 -7.20
N GLY A 402 -21.75 -13.28 -6.76
CA GLY A 402 -20.70 -12.81 -7.66
C GLY A 402 -20.96 -11.51 -8.42
N VAL A 403 -22.00 -10.75 -8.05
CA VAL A 403 -22.23 -9.44 -8.69
C VAL A 403 -21.09 -8.52 -8.25
N PRO A 404 -20.35 -7.92 -9.21
CA PRO A 404 -19.15 -7.19 -8.82
C PRO A 404 -19.34 -6.12 -7.74
N ALA A 405 -20.35 -5.26 -7.90
CA ALA A 405 -20.60 -4.21 -6.91
C ALA A 405 -20.82 -4.79 -5.51
N THR A 406 -21.52 -5.92 -5.45
CA THR A 406 -21.80 -6.58 -4.17
C THR A 406 -20.57 -7.23 -3.55
N VAL A 407 -19.85 -8.05 -4.31
CA VAL A 407 -18.65 -8.68 -3.75
C VAL A 407 -17.56 -7.66 -3.41
N GLU A 408 -17.48 -6.57 -4.17
CA GLU A 408 -16.50 -5.52 -3.87
C GLU A 408 -16.80 -4.82 -2.55
N GLN A 409 -18.07 -4.58 -2.27
N GLN A 409 -18.09 -4.59 -2.30
CA GLN A 409 -18.47 -3.94 -1.00
CA GLN A 409 -18.57 -3.98 -1.05
C GLN A 409 -18.43 -4.92 0.17
C GLN A 409 -18.43 -4.93 0.14
N GLN A 410 -18.86 -6.17 -0.08
CA GLN A 410 -18.94 -7.19 0.98
C GLN A 410 -17.62 -7.86 1.35
N SER A 411 -16.73 -8.03 0.37
CA SER A 411 -15.48 -8.77 0.57
C SER A 411 -14.24 -8.04 0.03
N PRO A 412 -14.07 -6.74 0.38
CA PRO A 412 -12.97 -5.97 -0.21
C PRO A 412 -11.56 -6.44 0.13
N ASN A 413 -11.40 -7.09 1.29
CA ASN A 413 -10.09 -7.55 1.76
C ASN A 413 -9.73 -8.95 1.24
N SER A 414 -10.51 -9.47 0.31
CA SER A 414 -10.15 -10.67 -0.43
C SER A 414 -8.78 -10.53 -1.09
N LYS A 415 -8.13 -11.68 -1.30
CA LYS A 415 -6.83 -11.68 -1.92
C LYS A 415 -6.45 -13.08 -2.36
N VAL A 416 -5.44 -13.15 -3.21
CA VAL A 416 -4.84 -14.41 -3.62
C VAL A 416 -3.35 -14.28 -3.32
N VAL A 417 -2.72 -15.36 -2.86
CA VAL A 417 -1.28 -15.40 -2.65
C VAL A 417 -0.72 -16.54 -3.48
N PHE A 418 0.05 -16.22 -4.52
CA PHE A 418 0.77 -17.20 -5.32
C PHE A 418 2.20 -17.27 -4.81
N SER A 419 2.78 -18.47 -4.75
CA SER A 419 4.16 -18.61 -4.29
C SER A 419 4.88 -19.84 -4.85
N ASN A 420 6.21 -19.81 -4.72
CA ASN A 420 7.05 -20.96 -4.96
C ASN A 420 6.82 -21.57 -6.34
N ILE A 421 6.88 -20.71 -7.34
CA ILE A 421 6.78 -21.13 -8.72
C ILE A 421 7.99 -21.99 -9.07
N LYS A 422 7.74 -23.15 -9.66
CA LYS A 422 8.79 -24.04 -10.13
C LYS A 422 8.45 -24.51 -11.54
N PHE A 423 9.48 -24.62 -12.38
CA PHE A 423 9.31 -25.01 -13.78
C PHE A 423 10.49 -25.84 -14.26
N GLY A 424 10.20 -26.88 -15.03
CA GLY A 424 11.23 -27.73 -15.61
C GLY A 424 10.63 -28.94 -16.29
N PRO A 425 11.47 -29.89 -16.69
CA PRO A 425 10.94 -31.09 -17.35
C PRO A 425 9.98 -31.87 -16.47
N ILE A 426 9.10 -32.64 -17.08
CA ILE A 426 8.16 -33.46 -16.33
C ILE A 426 8.94 -34.33 -15.34
N GLY A 427 8.47 -34.37 -14.09
CA GLY A 427 9.10 -35.08 -13.00
C GLY A 427 10.15 -34.32 -12.22
N SER A 428 10.51 -33.11 -12.66
CA SER A 428 11.68 -32.40 -12.11
C SER A 428 11.38 -31.46 -10.94
N THR A 429 10.13 -31.04 -10.76
CA THR A 429 9.85 -29.99 -9.76
C THR A 429 9.45 -30.49 -8.38
N GLY A 430 9.21 -31.80 -8.27
CA GLY A 430 8.59 -32.38 -7.07
C GLY A 430 9.59 -33.01 -6.12
N PCA B 1 24.45 16.23 29.03
CA PCA B 1 25.59 15.94 28.15
CB PCA B 1 24.94 15.45 26.85
CG PCA B 1 23.45 15.80 26.96
CD PCA B 1 23.28 16.20 28.41
OE PCA B 1 22.19 16.47 28.91
C PCA B 1 26.49 17.12 27.89
O PCA B 1 26.04 18.27 27.94
N GLN B 2 27.76 16.83 27.61
CA GLN B 2 28.74 17.84 27.20
C GLN B 2 28.53 18.20 25.73
N VAL B 3 29.31 19.16 25.22
CA VAL B 3 29.25 19.56 23.82
C VAL B 3 30.62 19.34 23.16
N CYS B 4 30.64 18.70 22.00
CA CYS B 4 31.83 18.58 21.17
C CYS B 4 31.59 19.25 19.81
N THR B 5 32.69 19.57 19.13
CA THR B 5 32.62 20.39 17.92
C THR B 5 33.44 19.88 16.76
N THR B 6 33.65 18.56 16.67
CA THR B 6 34.27 18.01 15.45
C THR B 6 33.35 18.24 14.24
N GLN B 7 32.03 18.14 14.47
CA GLN B 7 31.02 18.48 13.50
C GLN B 7 30.33 19.74 14.00
N ALA B 8 30.33 20.79 13.15
CA ALA B 8 29.80 22.09 13.53
C ALA B 8 28.28 22.02 13.66
N GLU B 9 27.71 22.85 14.53
CA GLU B 9 26.26 22.97 14.65
C GLU B 9 25.79 24.33 14.18
N THR B 10 25.08 24.33 13.05
CA THR B 10 24.48 25.50 12.47
C THR B 10 23.01 25.17 12.22
N HIS B 11 22.13 25.90 12.88
CA HIS B 11 20.69 25.67 12.77
C HIS B 11 20.16 26.22 11.45
N PRO B 12 19.58 25.37 10.58
CA PRO B 12 18.97 25.92 9.37
C PRO B 12 17.93 27.00 9.69
N ALA B 13 17.91 28.06 8.89
CA ALA B 13 16.98 29.18 9.08
C ALA B 13 15.59 28.80 8.59
N LEU B 14 14.57 29.26 9.30
CA LEU B 14 13.19 29.07 8.88
C LEU B 14 12.40 30.29 9.30
N SER B 15 11.89 31.05 8.33
CA SER B 15 11.05 32.19 8.64
C SER B 15 9.59 31.74 8.83
N TRP B 16 8.87 32.48 9.66
CA TRP B 16 7.46 32.23 9.94
C TRP B 16 6.82 33.59 10.24
N SER B 17 5.49 33.62 10.38
CA SER B 17 4.80 34.88 10.55
C SER B 17 4.05 34.95 11.87
N LYS B 18 4.26 36.06 12.59
CA LYS B 18 3.51 36.38 13.79
C LYS B 18 2.45 37.39 13.38
N CYS B 19 1.19 37.05 13.58
CA CYS B 19 0.07 37.90 13.22
C CYS B 19 -0.55 38.47 14.48
N THR B 20 -1.14 39.66 14.35
CA THR B 20 -1.74 40.37 15.48
C THR B 20 -3.20 40.65 15.18
N SER B 21 -3.97 40.96 16.23
CA SER B 21 -5.38 41.36 16.06
C SER B 21 -5.46 42.50 15.04
N GLY B 22 -6.18 42.24 13.95
CA GLY B 22 -6.24 43.14 12.79
C GLY B 22 -5.82 42.48 11.49
N GLY B 23 -5.12 41.35 11.57
CA GLY B 23 -4.67 40.62 10.38
C GLY B 23 -3.27 41.02 9.89
N SER B 24 -2.64 41.96 10.58
CA SER B 24 -1.27 42.37 10.27
C SER B 24 -0.28 41.31 10.77
N CYS B 25 0.59 40.83 9.88
CA CYS B 25 1.59 39.81 10.22
C CYS B 25 2.99 40.33 9.94
N THR B 26 3.97 39.96 10.76
CA THR B 26 5.36 40.31 10.50
C THR B 26 6.25 39.07 10.48
N THR B 27 7.28 39.09 9.65
CA THR B 27 8.16 37.94 9.47
C THR B 27 9.09 37.79 10.68
N GLN B 28 9.23 36.55 11.15
CA GLN B 28 10.08 36.21 12.29
C GLN B 28 11.22 35.36 11.77
N ALA B 29 12.44 35.66 12.19
CA ALA B 29 13.63 34.95 11.71
C ALA B 29 13.97 33.79 12.66
N GLY B 30 13.25 32.68 12.48
CA GLY B 30 13.45 31.48 13.29
C GLY B 30 14.52 30.57 12.72
N LYS B 31 14.80 29.50 13.45
CA LYS B 31 15.72 28.45 13.03
C LYS B 31 15.18 27.13 13.54
N VAL B 32 15.64 26.04 12.97
CA VAL B 32 15.28 24.71 13.46
C VAL B 32 16.50 23.99 14.00
N VAL B 33 16.28 23.12 14.99
CA VAL B 33 17.36 22.31 15.58
C VAL B 33 16.94 20.86 15.72
N LEU B 34 17.90 19.98 15.41
CA LEU B 34 17.71 18.56 15.42
C LEU B 34 17.71 18.01 16.86
N ASP B 35 16.77 17.12 17.13
CA ASP B 35 16.68 16.44 18.43
C ASP B 35 17.97 15.68 18.76
N ALA B 36 18.39 15.75 20.02
CA ALA B 36 19.66 15.16 20.48
C ALA B 36 19.82 13.66 20.21
N ASN B 37 18.70 12.92 20.21
CA ASN B 37 18.75 11.47 19.91
C ASN B 37 19.40 11.10 18.58
N TRP B 38 19.28 11.98 17.59
CA TRP B 38 19.83 11.74 16.27
C TRP B 38 21.34 12.00 16.21
N ARG B 39 21.93 12.57 17.26
CA ARG B 39 23.31 13.03 17.23
C ARG B 39 24.30 11.95 17.61
N TRP B 40 25.47 12.03 16.98
CA TRP B 40 26.65 11.28 17.36
C TRP B 40 27.04 11.68 18.78
N THR B 41 27.24 10.69 19.66
N THR B 41 27.25 10.68 19.64
CA THR B 41 27.69 10.96 21.03
CA THR B 41 27.69 10.92 21.01
C THR B 41 28.96 10.19 21.34
C THR B 41 28.99 10.18 21.28
N HIS B 42 30.03 10.90 21.71
CA HIS B 42 31.35 10.31 22.00
C HIS B 42 31.97 10.95 23.22
N ALA B 43 33.11 10.41 23.66
CA ALA B 43 33.80 10.93 24.85
C ALA B 43 34.20 12.39 24.70
N TYR B 44 34.13 13.14 25.81
CA TYR B 44 34.48 14.56 25.85
C TYR B 44 35.88 14.73 26.44
N PRO B 45 36.74 15.58 25.88
CA PRO B 45 36.53 16.33 24.64
C PRO B 45 36.73 15.50 23.37
N SER B 46 37.32 14.32 23.50
CA SER B 46 37.44 13.37 22.38
C SER B 46 37.59 11.95 22.89
N GLY B 47 37.39 10.99 22.01
CA GLY B 47 37.52 9.58 22.34
C GLY B 47 36.47 8.70 21.72
N ASN B 48 36.29 7.53 22.30
CA ASN B 48 35.41 6.52 21.75
C ASN B 48 33.94 6.96 21.83
N ASN B 49 33.13 6.30 21.01
CA ASN B 49 31.68 6.48 21.03
C ASN B 49 31.13 6.05 22.38
N CYS B 50 30.21 6.84 22.92
CA CYS B 50 29.49 6.49 24.13
C CYS B 50 28.32 5.58 23.80
N TYR B 51 27.78 5.74 22.59
CA TYR B 51 26.67 4.94 22.10
C TYR B 51 26.98 4.57 20.67
N ASN B 52 26.84 3.30 20.36
CA ASN B 52 27.06 2.79 19.02
C ASN B 52 26.08 1.66 18.74
N GLY B 53 25.42 1.71 17.58
CA GLY B 53 24.34 0.78 17.25
C GLY B 53 23.17 1.05 18.18
N ASN B 54 22.92 0.12 19.09
CA ASN B 54 21.91 0.32 20.13
C ASN B 54 22.39 -0.07 21.55
N THR B 55 23.69 0.11 21.80
N THR B 55 23.70 0.02 21.79
CA THR B 55 24.36 -0.30 23.03
CA THR B 55 24.26 -0.27 23.11
C THR B 55 25.27 0.82 23.54
C THR B 55 25.20 0.85 23.55
N TRP B 56 25.28 1.03 24.86
CA TRP B 56 26.14 2.03 25.49
C TRP B 56 27.53 1.44 25.68
N ASP B 57 28.53 2.31 25.76
CA ASP B 57 29.90 1.90 26.12
C ASP B 57 29.99 1.88 27.64
N ALA B 58 30.13 0.69 28.23
CA ALA B 58 30.10 0.57 29.70
C ALA B 58 31.27 1.28 30.42
N THR B 59 32.43 1.36 29.77
CA THR B 59 33.58 2.06 30.34
C THR B 59 33.34 3.55 30.49
N LEU B 60 32.84 4.19 29.43
CA LEU B 60 32.50 5.61 29.48
C LEU B 60 31.18 5.86 30.25
N CYS B 61 30.27 4.89 30.16
CA CYS B 61 28.91 5.03 30.67
C CYS B 61 28.53 3.90 31.66
N PRO B 62 29.21 3.87 32.83
CA PRO B 62 28.89 2.87 33.86
C PRO B 62 27.56 3.15 34.55
N ASP B 63 27.16 4.43 34.61
CA ASP B 63 25.89 4.85 35.20
C ASP B 63 25.39 6.08 34.46
N ASP B 64 24.18 6.51 34.78
CA ASP B 64 23.53 7.62 34.08
C ASP B 64 24.27 8.96 34.21
N ALA B 65 24.69 9.30 35.43
CA ALA B 65 25.37 10.59 35.69
C ALA B 65 26.80 10.63 35.09
N THR B 66 27.60 9.62 35.39
CA THR B 66 28.96 9.53 34.86
C THR B 66 28.99 9.64 33.34
N CYS B 67 28.04 8.97 32.70
CA CYS B 67 27.91 8.95 31.25
C CYS B 67 27.68 10.37 30.69
N ALA B 68 26.80 11.14 31.32
CA ALA B 68 26.55 12.53 30.93
C ALA B 68 27.77 13.43 31.14
N LYS B 69 28.57 13.15 32.18
CA LYS B 69 29.83 13.89 32.42
C LYS B 69 30.95 13.52 31.46
N ASN B 70 30.96 12.29 30.98
CA ASN B 70 32.02 11.80 30.10
C ASN B 70 31.71 11.96 28.62
N CYS B 71 30.44 12.19 28.28
CA CYS B 71 29.99 12.15 26.89
C CYS B 71 29.41 13.45 26.41
N CYS B 72 29.60 13.72 25.12
CA CYS B 72 29.16 14.95 24.52
C CYS B 72 28.30 14.68 23.31
N LEU B 73 27.48 15.67 22.96
CA LEU B 73 26.71 15.67 21.72
C LEU B 73 27.48 16.43 20.64
N GLU B 74 27.41 15.93 19.40
CA GLU B 74 28.04 16.56 18.24
C GLU B 74 27.07 17.39 17.39
N GLY B 75 27.64 18.23 16.53
CA GLY B 75 26.87 18.95 15.53
C GLY B 75 26.29 17.99 14.49
N ALA B 76 25.39 18.52 13.67
CA ALA B 76 24.65 17.73 12.68
C ALA B 76 24.76 18.33 11.28
N ASP B 77 25.04 17.48 10.31
CA ASP B 77 24.98 17.84 8.89
C ASP B 77 23.55 17.63 8.44
N TYR B 78 22.76 18.72 8.49
CA TYR B 78 21.31 18.62 8.36
C TYR B 78 20.83 18.04 7.04
N SER B 79 21.36 18.52 5.91
N SER B 79 21.37 18.52 5.92
CA SER B 79 20.95 18.00 4.59
CA SER B 79 20.99 18.01 4.59
C SER B 79 21.59 16.65 4.27
C SER B 79 21.59 16.65 4.30
N GLY B 80 22.90 16.55 4.46
CA GLY B 80 23.66 15.37 4.00
C GLY B 80 23.45 14.08 4.77
N THR B 81 23.32 14.22 6.10
CA THR B 81 23.08 13.07 6.95
C THR B 81 21.59 12.89 7.27
N TYR B 82 20.89 14.00 7.50
CA TYR B 82 19.54 13.92 8.07
C TYR B 82 18.41 14.31 7.13
N GLY B 83 18.74 14.73 5.90
CA GLY B 83 17.74 15.06 4.88
C GLY B 83 16.81 16.20 5.24
N VAL B 84 17.32 17.16 6.03
CA VAL B 84 16.60 18.37 6.42
C VAL B 84 17.18 19.58 5.69
N THR B 85 16.31 20.28 4.96
CA THR B 85 16.66 21.52 4.23
C THR B 85 15.57 22.58 4.44
N THR B 86 15.99 23.85 4.45
CA THR B 86 15.05 24.96 4.52
C THR B 86 15.28 25.94 3.38
N SER B 87 14.22 26.62 3.00
CA SER B 87 14.30 27.72 2.04
C SER B 87 13.20 28.71 2.36
N GLY B 88 13.58 29.92 2.76
CA GLY B 88 12.61 30.91 3.21
C GLY B 88 11.78 30.38 4.37
N ASN B 89 10.47 30.31 4.17
CA ASN B 89 9.53 29.78 5.16
C ASN B 89 9.20 28.28 4.99
N GLN B 90 9.95 27.59 4.12
CA GLN B 90 9.72 26.19 3.78
C GLN B 90 10.76 25.27 4.45
N LEU B 91 10.27 24.19 5.05
CA LEU B 91 11.09 23.14 5.67
C LEU B 91 10.77 21.83 4.96
N THR B 92 11.80 21.15 4.47
CA THR B 92 11.63 19.82 3.90
C THR B 92 12.31 18.79 4.80
N ILE B 93 11.60 17.71 5.13
CA ILE B 93 12.18 16.58 5.85
C ILE B 93 12.06 15.35 4.94
N ASP B 94 13.18 14.87 4.45
CA ASP B 94 13.19 13.61 3.69
C ASP B 94 13.05 12.40 4.61
N PHE B 95 12.68 11.26 4.02
CA PHE B 95 12.43 10.01 4.77
C PHE B 95 13.73 9.22 4.99
N VAL B 96 14.27 8.60 3.95
CA VAL B 96 15.52 7.84 4.04
C VAL B 96 16.65 8.69 3.49
N THR B 97 17.67 8.92 4.32
CA THR B 97 18.90 9.58 3.88
C THR B 97 20.05 8.63 4.17
N GLN B 98 20.78 8.24 3.12
N GLN B 98 20.74 8.23 3.11
CA GLN B 98 21.95 7.38 3.25
CA GLN B 98 21.93 7.41 3.20
C GLN B 98 23.23 8.19 3.04
C GLN B 98 23.16 8.31 3.07
N SER B 99 24.03 8.31 4.08
N SER B 99 24.08 8.21 4.02
CA SER B 99 25.35 8.90 3.97
CA SER B 99 25.38 8.85 3.88
C SER B 99 26.33 7.86 4.51
C SER B 99 26.37 7.84 4.49
N ALA B 100 26.86 8.06 5.71
CA ALA B 100 27.63 7.03 6.43
C ALA B 100 26.72 5.86 6.79
N ASN B 101 25.51 6.19 7.22
CA ASN B 101 24.49 5.21 7.63
C ASN B 101 23.15 5.55 7.00
N LYS B 102 22.22 4.61 7.08
CA LYS B 102 20.83 4.87 6.74
C LYS B 102 20.19 5.61 7.92
N ASN B 103 19.76 6.86 7.70
CA ASN B 103 18.96 7.61 8.68
C ASN B 103 17.52 7.61 8.20
N VAL B 104 16.57 7.40 9.12
CA VAL B 104 15.16 7.36 8.77
C VAL B 104 14.40 8.44 9.53
N GLY B 105 14.06 9.52 8.82
CA GLY B 105 13.30 10.64 9.40
C GLY B 105 14.10 11.50 10.37
N ALA B 106 13.39 12.44 11.00
CA ALA B 106 14.00 13.39 11.91
C ALA B 106 12.95 14.04 12.77
N ARG B 107 13.39 14.61 13.87
CA ARG B 107 12.53 15.42 14.74
C ARG B 107 13.26 16.73 14.98
N LEU B 108 12.56 17.84 14.75
CA LEU B 108 13.10 19.20 14.81
C LEU B 108 12.28 20.12 15.69
N TYR B 109 12.95 21.09 16.32
CA TYR B 109 12.29 22.11 17.14
C TYR B 109 12.52 23.49 16.58
N LEU B 110 11.48 24.33 16.60
CA LEU B 110 11.60 25.70 16.11
C LEU B 110 12.20 26.56 17.23
N MET B 111 13.22 27.33 16.87
CA MET B 111 14.01 28.10 17.80
C MET B 111 13.75 29.59 17.69
N ALA B 112 13.78 30.28 18.84
CA ALA B 112 13.70 31.74 18.91
C ALA B 112 15.09 32.38 18.77
N SER B 113 16.09 31.74 19.36
CA SER B 113 17.50 32.07 19.18
C SER B 113 18.29 30.78 19.10
N ASP B 114 19.60 30.88 18.93
CA ASP B 114 20.45 29.69 18.88
C ASP B 114 20.54 28.91 20.20
N THR B 115 20.07 29.46 21.32
CA THR B 115 20.09 28.78 22.61
C THR B 115 18.70 28.64 23.28
N ALA B 116 17.63 28.96 22.55
CA ALA B 116 16.28 28.93 23.13
C ALA B 116 15.23 28.51 22.11
N TYR B 117 14.39 27.55 22.51
CA TYR B 117 13.24 27.18 21.70
C TYR B 117 12.21 28.32 21.73
N GLU B 118 11.46 28.45 20.64
CA GLU B 118 10.30 29.35 20.59
C GLU B 118 9.21 28.72 21.43
N GLU B 119 8.57 29.52 22.27
CA GLU B 119 7.48 29.04 23.12
C GLU B 119 6.19 29.72 22.67
N PHE B 120 5.23 28.90 22.22
CA PHE B 120 3.93 29.33 21.77
C PHE B 120 2.88 29.06 22.85
N THR B 121 2.07 30.07 23.17
CA THR B 121 0.97 29.91 24.09
C THR B 121 -0.29 29.85 23.24
N LEU B 122 -0.90 28.67 23.18
CA LEU B 122 -1.90 28.41 22.15
C LEU B 122 -3.33 28.86 22.46
N LEU B 123 -3.73 28.88 23.72
CA LEU B 123 -5.14 29.15 24.05
C LEU B 123 -5.55 30.56 23.61
N ASN B 124 -6.75 30.63 23.02
CA ASN B 124 -7.30 31.83 22.40
C ASN B 124 -6.59 32.30 21.14
N ASN B 125 -5.70 31.48 20.61
CA ASN B 125 -4.92 31.81 19.45
C ASN B 125 -5.09 30.69 18.43
N GLU B 126 -4.52 30.89 17.26
CA GLU B 126 -4.59 29.91 16.20
C GLU B 126 -3.22 29.74 15.57
N PHE B 127 -3.00 28.55 15.06
CA PHE B 127 -1.77 28.18 14.39
C PHE B 127 -2.17 27.69 13.01
N SER B 128 -1.52 28.25 11.99
CA SER B 128 -1.74 27.94 10.60
C SER B 128 -0.44 27.48 9.97
N PHE B 129 -0.52 26.52 9.06
CA PHE B 129 0.62 26.14 8.26
C PHE B 129 0.16 25.51 6.96
N ASP B 130 1.06 25.49 5.99
CA ASP B 130 0.83 24.82 4.71
C ASP B 130 1.64 23.57 4.71
N VAL B 131 1.12 22.52 4.08
CA VAL B 131 1.82 21.24 4.03
C VAL B 131 1.61 20.58 2.69
N ASP B 132 2.68 19.96 2.21
CA ASP B 132 2.61 19.03 1.09
C ASP B 132 2.87 17.61 1.63
N VAL B 133 1.80 16.81 1.70
CA VAL B 133 1.87 15.40 2.09
C VAL B 133 1.83 14.44 0.91
N SER B 134 1.96 14.97 -0.31
CA SER B 134 1.83 14.17 -1.53
C SER B 134 2.84 13.02 -1.60
N ALA B 135 4.03 13.23 -1.03
CA ALA B 135 5.07 12.18 -1.02
C ALA B 135 5.11 11.37 0.30
N LEU B 136 3.96 11.23 0.97
CA LEU B 136 3.84 10.44 2.18
C LEU B 136 2.84 9.30 1.96
N PRO B 137 3.33 8.09 1.65
CA PRO B 137 2.43 6.98 1.43
C PRO B 137 2.02 6.35 2.76
N CYS B 138 1.23 5.29 2.68
CA CYS B 138 0.89 4.46 3.82
C CYS B 138 2.11 4.16 4.68
N GLY B 139 1.98 4.33 6.00
CA GLY B 139 3.02 3.94 6.96
C GLY B 139 3.89 5.07 7.48
N LEU B 140 3.84 6.24 6.86
CA LEU B 140 4.63 7.40 7.31
C LEU B 140 3.76 8.42 8.02
N ASN B 141 4.39 9.20 8.89
CA ASN B 141 3.71 10.23 9.65
C ASN B 141 4.55 11.51 9.60
N GLY B 142 4.07 12.50 8.83
CA GLY B 142 4.65 13.84 8.87
C GLY B 142 3.90 14.57 9.98
N ALA B 143 4.59 14.84 11.08
CA ALA B 143 3.91 15.35 12.28
C ALA B 143 4.35 16.77 12.60
N LEU B 144 3.37 17.59 12.92
CA LEU B 144 3.62 18.93 13.40
C LEU B 144 2.83 19.05 14.67
N TYR B 145 3.52 19.36 15.77
CA TYR B 145 2.89 19.31 17.08
C TYR B 145 3.61 20.14 18.12
N PHE B 146 2.95 20.29 19.26
CA PHE B 146 3.48 21.06 20.37
C PHE B 146 3.65 20.19 21.61
N VAL B 147 4.72 20.46 22.37
CA VAL B 147 4.97 19.79 23.63
C VAL B 147 5.45 20.80 24.68
N SER B 148 5.19 20.50 25.94
CA SER B 148 5.54 21.44 27.03
C SER B 148 6.98 21.23 27.49
N MET B 149 7.91 21.47 26.57
CA MET B 149 9.33 21.43 26.83
C MET B 149 9.79 22.75 27.43
N ASP B 150 10.90 22.68 28.15
CA ASP B 150 11.59 23.86 28.63
C ASP B 150 12.26 24.57 27.46
N ALA B 151 12.23 25.91 27.48
CA ALA B 151 12.82 26.72 26.40
C ALA B 151 14.32 26.49 26.23
N ASP B 152 15.02 26.22 27.33
CA ASP B 152 16.48 26.00 27.29
C ASP B 152 16.87 24.52 27.25
N GLY B 153 15.92 23.62 26.97
CA GLY B 153 16.19 22.18 26.91
C GLY B 153 16.54 21.52 28.24
N GLY B 154 16.22 22.18 29.35
CA GLY B 154 16.56 21.72 30.69
C GLY B 154 17.88 22.24 31.29
N ALA B 155 18.60 23.10 30.57
CA ALA B 155 19.94 23.55 31.01
C ALA B 155 19.96 24.18 32.41
N SER B 156 19.05 25.09 32.70
CA SER B 156 19.02 25.78 34.00
C SER B 156 18.56 24.91 35.18
N LYS B 157 17.79 23.85 34.90
CA LYS B 157 17.37 22.90 35.93
C LYS B 157 18.39 21.80 36.20
N TYR B 158 19.14 21.41 35.17
CA TYR B 158 20.02 20.23 35.22
C TYR B 158 21.41 20.61 34.72
N PRO B 159 22.28 21.16 35.61
CA PRO B 159 23.57 21.72 35.17
C PRO B 159 24.53 20.75 34.48
N THR B 160 24.30 19.44 34.56
CA THR B 160 25.04 18.45 33.76
C THR B 160 24.58 18.39 32.29
N ASN B 161 23.49 19.08 31.96
CA ASN B 161 23.14 19.37 30.56
C ASN B 161 23.78 20.69 30.13
N LEU B 162 24.97 20.59 29.54
CA LEU B 162 25.69 21.75 29.01
C LEU B 162 25.37 21.98 27.53
N ALA B 163 24.62 21.07 26.92
CA ALA B 163 24.26 21.20 25.50
C ALA B 163 23.04 22.09 25.28
N GLY B 164 22.01 21.87 26.09
CA GLY B 164 20.79 22.70 26.04
C GLY B 164 20.06 22.71 24.69
N ALA B 165 19.26 23.74 24.48
CA ALA B 165 18.41 23.83 23.29
C ALA B 165 19.21 23.88 21.99
N LYS B 166 20.42 24.42 22.03
CA LYS B 166 21.32 24.43 20.86
C LYS B 166 21.54 23.05 20.21
N TYR B 167 21.54 21.98 21.03
CA TYR B 167 21.70 20.59 20.56
C TYR B 167 20.44 19.73 20.70
N GLY B 168 19.28 20.37 20.85
CA GLY B 168 18.02 19.66 20.79
C GLY B 168 17.75 18.74 21.98
N THR B 169 18.20 19.16 23.16
CA THR B 169 17.94 18.40 24.39
C THR B 169 16.57 18.75 24.95
N GLY B 170 16.09 17.90 25.85
CA GLY B 170 14.92 18.23 26.66
C GLY B 170 13.60 17.75 26.12
N TYR B 171 13.60 16.90 25.09
CA TYR B 171 12.34 16.39 24.56
C TYR B 171 11.51 15.67 25.60
N CYS B 172 10.20 15.85 25.50
CA CYS B 172 9.24 15.10 26.25
C CYS B 172 7.97 15.08 25.44
N ASP B 173 7.12 14.09 25.65
CA ASP B 173 5.80 14.09 25.04
C ASP B 173 4.88 13.20 25.85
N SER B 174 3.64 13.05 25.43
CA SER B 174 2.64 12.37 26.24
C SER B 174 2.77 10.84 26.21
N GLN B 175 3.63 10.32 25.33
CA GLN B 175 4.01 8.90 25.35
C GLN B 175 5.04 8.60 26.43
N CYS B 176 5.63 9.63 27.05
CA CYS B 176 6.70 9.46 28.03
C CYS B 176 7.82 8.60 27.44
N PRO B 177 8.39 9.04 26.30
CA PRO B 177 9.29 8.21 25.54
C PRO B 177 10.50 7.77 26.35
N ARG B 178 10.77 6.46 26.30
CA ARG B 178 11.90 5.87 26.98
C ARG B 178 13.07 5.58 26.04
N ASP B 179 12.89 5.88 24.76
CA ASP B 179 13.93 5.69 23.75
C ASP B 179 14.99 6.78 23.74
N LEU B 180 14.76 7.83 24.54
CA LEU B 180 15.66 8.96 24.61
C LEU B 180 16.94 8.56 25.33
N LYS B 181 18.07 8.96 24.75
CA LYS B 181 19.37 8.63 25.31
C LYS B 181 19.79 9.56 26.45
N PHE B 182 19.37 10.81 26.40
CA PHE B 182 19.62 11.74 27.48
C PHE B 182 18.31 12.32 27.96
N ILE B 183 18.08 12.25 29.27
CA ILE B 183 16.93 12.87 29.91
C ILE B 183 17.39 13.64 31.16
N SER B 184 17.04 14.93 31.19
CA SER B 184 17.31 15.82 32.34
C SER B 184 18.76 15.80 32.81
N GLY B 185 19.68 15.91 31.87
CA GLY B 185 21.11 16.02 32.16
C GLY B 185 21.78 14.72 32.57
N GLN B 186 21.09 13.60 32.35
CA GLN B 186 21.66 12.29 32.63
C GLN B 186 21.41 11.40 31.43
N ALA B 187 22.30 10.43 31.21
CA ALA B 187 22.09 9.44 30.17
C ALA B 187 21.07 8.42 30.64
N ASN B 188 20.57 7.60 29.72
CA ASN B 188 19.53 6.62 30.01
C ASN B 188 20.18 5.24 29.85
N VAL B 189 21.19 4.94 30.67
N VAL B 189 21.16 4.99 30.72
CA VAL B 189 21.95 3.69 30.52
CA VAL B 189 22.04 3.81 30.65
C VAL B 189 21.54 2.56 31.45
C VAL B 189 21.51 2.61 31.44
N GLU B 190 21.14 2.88 32.68
CA GLU B 190 20.75 1.86 33.65
C GLU B 190 19.43 1.19 33.24
N GLY B 191 19.49 -0.11 32.99
CA GLY B 191 18.35 -0.89 32.48
C GLY B 191 18.05 -0.74 31.00
N TRP B 192 18.98 -0.19 30.23
CA TRP B 192 18.78 0.00 28.79
C TRP B 192 18.62 -1.34 28.12
N GLN B 193 17.64 -1.45 27.23
CA GLN B 193 17.41 -2.66 26.47
C GLN B 193 17.43 -2.30 24.99
N PRO B 194 18.35 -2.89 24.19
CA PRO B 194 18.27 -2.65 22.74
C PRO B 194 16.95 -3.13 22.15
N SER B 195 16.48 -2.46 21.11
CA SER B 195 15.29 -2.87 20.40
C SER B 195 15.59 -4.16 19.65
N SER B 196 14.66 -5.11 19.67
CA SER B 196 14.81 -6.37 18.93
C SER B 196 14.68 -6.13 17.43
N ASN B 197 13.82 -5.21 17.02
CA ASN B 197 13.50 -4.98 15.60
C ASN B 197 14.14 -3.71 14.99
N ASN B 198 15.08 -3.07 15.71
CA ASN B 198 15.73 -1.84 15.23
C ASN B 198 17.17 -1.74 15.76
N ALA B 199 18.12 -1.74 14.83
CA ALA B 199 19.55 -1.75 15.16
C ALA B 199 20.06 -0.47 15.81
N ASN B 200 19.27 0.62 15.72
CA ASN B 200 19.73 1.92 16.17
C ASN B 200 19.07 2.43 17.44
N THR B 201 18.00 1.76 17.89
CA THR B 201 17.18 2.25 19.00
C THR B 201 17.12 1.26 20.15
N GLY B 202 16.69 1.76 21.30
CA GLY B 202 16.44 0.93 22.47
C GLY B 202 15.47 1.61 23.38
N ILE B 203 15.25 1.00 24.54
CA ILE B 203 14.29 1.47 25.54
C ILE B 203 15.00 1.50 26.90
N GLY B 204 14.99 2.67 27.53
CA GLY B 204 15.70 2.90 28.78
C GLY B 204 14.82 2.73 29.99
N GLY B 205 15.44 2.83 31.15
CA GLY B 205 14.73 2.74 32.41
C GLY B 205 13.90 3.97 32.71
N HIS B 206 14.24 5.11 32.10
CA HIS B 206 13.46 6.34 32.24
C HIS B 206 12.80 6.77 30.96
N GLY B 207 11.71 7.50 31.14
CA GLY B 207 11.07 8.24 30.07
C GLY B 207 10.91 9.70 30.43
N SER B 208 10.43 10.47 29.46
CA SER B 208 10.30 11.91 29.57
C SER B 208 8.89 12.33 29.21
N CYS B 209 8.09 12.68 30.22
CA CYS B 209 6.67 12.99 30.10
C CYS B 209 6.40 14.50 30.04
N CYS B 210 5.55 14.94 29.11
CA CYS B 210 4.89 16.25 29.22
C CYS B 210 3.71 16.36 28.27
N SER B 211 2.90 17.37 28.52
CA SER B 211 1.71 17.69 27.73
C SER B 211 2.02 17.82 26.23
N GLU B 212 1.08 17.34 25.41
CA GLU B 212 1.28 17.27 23.97
C GLU B 212 0.00 17.64 23.23
N MET B 213 0.10 18.61 22.33
N MET B 213 0.12 18.59 22.32
CA MET B 213 -0.99 18.96 21.41
CA MET B 213 -0.97 18.98 21.42
C MET B 213 -0.58 18.57 20.01
C MET B 213 -0.57 18.58 19.99
N ASP B 214 -1.12 17.45 19.53
CA ASP B 214 -0.84 16.97 18.17
C ASP B 214 -1.75 17.63 17.17
N ILE B 215 -1.28 18.74 16.63
CA ILE B 215 -2.01 19.49 15.61
C ILE B 215 -2.18 18.63 14.35
N TRP B 216 -1.12 17.97 13.94
CA TRP B 216 -1.06 17.36 12.62
C TRP B 216 -0.22 16.11 12.66
N GLU B 217 -0.89 14.97 12.45
CA GLU B 217 -0.21 13.70 12.23
C GLU B 217 -0.86 13.17 10.99
N ALA B 218 -0.11 13.07 9.90
CA ALA B 218 -0.74 12.76 8.61
C ALA B 218 0.18 12.19 7.58
N ASN B 219 -0.43 11.53 6.62
CA ASN B 219 0.24 11.21 5.35
C ASN B 219 -0.72 11.58 4.23
N SER B 220 -0.51 11.07 3.03
CA SER B 220 -1.42 11.35 1.91
C SER B 220 -2.77 10.68 2.07
N ILE B 221 -2.89 9.70 2.97
CA ILE B 221 -4.12 8.91 3.12
C ILE B 221 -4.98 9.36 4.29
N SER B 222 -4.38 9.58 5.46
CA SER B 222 -5.15 9.93 6.66
C SER B 222 -4.46 11.00 7.49
N GLN B 223 -5.25 11.63 8.36
CA GLN B 223 -4.78 12.70 9.21
C GLN B 223 -5.54 12.71 10.53
N ALA B 224 -4.84 13.15 11.58
CA ALA B 224 -5.45 13.25 12.92
C ALA B 224 -4.97 14.47 13.67
N LEU B 225 -5.88 14.98 14.50
CA LEU B 225 -5.70 16.13 15.38
C LEU B 225 -6.00 15.65 16.80
N THR B 226 -5.03 15.74 17.71
CA THR B 226 -5.15 15.02 19.02
C THR B 226 -4.52 15.76 20.22
N PRO B 227 -5.34 16.33 21.12
CA PRO B 227 -4.78 16.77 22.41
C PRO B 227 -4.50 15.61 23.37
N HIS B 228 -3.37 15.68 24.10
CA HIS B 228 -2.96 14.67 25.12
C HIS B 228 -2.59 15.40 26.42
N PRO B 229 -3.47 15.40 27.44
CA PRO B 229 -3.10 16.00 28.73
C PRO B 229 -2.18 15.13 29.60
N CYS B 230 -1.43 15.77 30.48
CA CYS B 230 -0.68 15.10 31.54
C CYS B 230 -1.02 15.70 32.89
N GLU B 231 -0.89 14.89 33.93
CA GLU B 231 -1.19 15.32 35.30
C GLU B 231 -0.27 16.46 35.75
N THR B 232 0.98 16.43 35.31
CA THR B 232 1.87 17.59 35.39
C THR B 232 2.02 18.17 33.97
N VAL B 233 1.91 19.49 33.86
CA VAL B 233 1.92 20.18 32.57
C VAL B 233 3.25 19.99 31.85
N GLY B 234 4.34 20.38 32.53
CA GLY B 234 5.68 20.32 31.96
C GLY B 234 6.42 19.01 32.20
N GLN B 235 7.73 19.03 31.96
CA GLN B 235 8.51 17.80 31.90
C GLN B 235 8.64 17.14 33.27
N VAL B 236 8.38 15.84 33.31
CA VAL B 236 8.75 14.99 34.44
C VAL B 236 9.39 13.71 33.93
N THR B 237 10.32 13.17 34.72
CA THR B 237 10.94 11.89 34.42
C THR B 237 10.14 10.79 35.07
N CYS B 238 9.86 9.72 34.31
CA CYS B 238 9.12 8.55 34.80
C CYS B 238 10.04 7.35 34.76
N SER B 239 9.64 6.29 35.45
CA SER B 239 10.40 5.05 35.49
C SER B 239 9.63 3.87 34.89
N GLY B 240 10.21 3.23 33.89
CA GLY B 240 9.71 1.95 33.40
C GLY B 240 8.25 1.93 32.99
N ASP B 241 7.51 0.92 33.46
CA ASP B 241 6.10 0.77 33.13
C ASP B 241 5.24 1.93 33.62
N ASP B 242 5.67 2.63 34.67
CA ASP B 242 4.99 3.86 35.14
C ASP B 242 5.09 5.05 34.17
N CYS B 243 5.83 4.88 33.07
CA CYS B 243 5.76 5.79 31.94
C CYS B 243 4.51 5.58 31.09
N GLY B 244 3.91 4.40 31.18
CA GLY B 244 2.82 4.03 30.28
C GLY B 244 3.29 4.07 28.83
N GLY B 245 2.36 4.31 27.93
CA GLY B 245 2.67 4.42 26.50
C GLY B 245 2.85 3.05 25.87
N THR B 246 3.26 3.04 24.61
CA THR B 246 3.30 1.81 23.83
C THR B 246 4.33 0.79 24.35
N TYR B 247 5.47 1.29 24.83
CA TYR B 247 6.52 0.41 25.39
C TYR B 247 6.37 0.27 26.89
N SER B 248 5.26 -0.35 27.30
CA SER B 248 4.90 -0.56 28.69
C SER B 248 3.95 -1.74 28.80
N ASN B 249 4.04 -2.48 29.90
N ASN B 249 4.06 -2.49 29.89
CA ASN B 249 3.09 -3.55 30.20
CA ASN B 249 3.09 -3.53 30.24
C ASN B 249 1.68 -3.02 30.54
C ASN B 249 1.69 -2.97 30.45
N ASN B 250 1.60 -1.80 31.09
CA ASN B 250 0.31 -1.06 31.21
C ASN B 250 0.44 0.32 30.56
N ARG B 251 -0.07 0.40 29.34
CA ARG B 251 -0.30 1.63 28.58
C ARG B 251 -0.77 2.85 29.41
N TYR B 252 -1.66 2.60 30.38
CA TYR B 252 -2.38 3.63 31.13
C TYR B 252 -1.93 3.79 32.57
N GLY B 253 -0.83 3.13 32.92
CA GLY B 253 -0.27 3.19 34.27
C GLY B 253 0.56 4.42 34.59
N GLY B 254 0.72 5.35 33.65
CA GLY B 254 1.50 6.56 33.89
C GLY B 254 0.69 7.81 34.17
N THR B 255 1.37 8.96 34.10
CA THR B 255 0.80 10.27 34.45
C THR B 255 0.35 11.09 33.23
N CYS B 256 0.57 10.58 32.01
CA CYS B 256 0.08 11.21 30.78
C CYS B 256 -0.95 10.34 30.10
N ASP B 257 -1.71 10.95 29.21
CA ASP B 257 -2.66 10.24 28.37
C ASP B 257 -2.03 9.95 27.02
N PRO B 258 -1.62 8.68 26.77
CA PRO B 258 -1.00 8.38 25.49
C PRO B 258 -1.96 8.17 24.31
N ASP B 259 -3.27 8.08 24.56
CA ASP B 259 -4.26 7.93 23.49
C ASP B 259 -4.67 9.28 22.92
N GLY B 260 -5.12 10.16 23.80
CA GLY B 260 -5.60 11.47 23.41
C GLY B 260 -7.05 11.45 23.00
N CYS B 261 -7.61 12.63 22.81
CA CYS B 261 -8.93 12.80 22.25
C CYS B 261 -8.70 13.11 20.78
N ASP B 262 -8.58 12.07 19.96
CA ASP B 262 -8.17 12.23 18.55
C ASP B 262 -9.36 12.53 17.64
N TRP B 263 -9.13 13.42 16.65
CA TRP B 263 -10.10 13.71 15.59
C TRP B 263 -9.45 13.37 14.24
N ASN B 264 -9.88 12.25 13.67
CA ASN B 264 -9.52 11.79 12.33
C ASN B 264 -10.84 11.70 11.58
N PRO B 265 -11.07 12.58 10.56
CA PRO B 265 -12.37 12.61 9.88
C PRO B 265 -12.84 11.27 9.33
N TYR B 266 -11.91 10.48 8.81
CA TYR B 266 -12.20 9.15 8.30
C TYR B 266 -12.68 8.22 9.42
N ARG B 267 -11.98 8.26 10.54
CA ARG B 267 -12.37 7.48 11.70
C ARG B 267 -13.77 7.89 12.18
N LEU B 268 -14.13 9.15 11.97
CA LEU B 268 -15.43 9.68 12.36
C LEU B 268 -16.46 9.69 11.22
N GLY B 269 -16.30 8.74 10.28
CA GLY B 269 -17.30 8.44 9.29
C GLY B 269 -17.32 9.24 8.01
N ASN B 270 -16.34 10.12 7.79
CA ASN B 270 -16.26 10.81 6.51
C ASN B 270 -15.14 10.23 5.66
N HIS B 271 -15.52 9.38 4.71
CA HIS B 271 -14.55 8.65 3.91
C HIS B 271 -14.14 9.37 2.60
N THR B 272 -14.73 10.54 2.32
CA THR B 272 -14.43 11.32 1.12
C THR B 272 -13.85 12.71 1.39
N PHE B 273 -13.51 13.03 2.64
CA PHE B 273 -13.03 14.37 2.94
C PHE B 273 -11.55 14.58 2.61
N TYR B 274 -10.72 13.58 2.88
CA TYR B 274 -9.27 13.75 2.84
C TYR B 274 -8.63 12.54 2.16
N GLY B 275 -7.95 12.79 1.06
CA GLY B 275 -7.29 11.74 0.30
C GLY B 275 -6.70 12.25 -1.00
N PRO B 276 -5.99 11.36 -1.72
CA PRO B 276 -5.31 11.80 -2.94
C PRO B 276 -6.29 12.00 -4.11
N GLY B 277 -6.23 13.18 -4.72
CA GLY B 277 -6.96 13.44 -5.94
C GLY B 277 -8.34 14.02 -5.78
N SER B 278 -9.03 14.14 -6.91
CA SER B 278 -10.28 14.90 -6.98
C SER B 278 -11.53 14.16 -6.47
N GLY B 279 -11.39 12.93 -6.00
CA GLY B 279 -12.46 12.26 -5.28
C GLY B 279 -12.65 12.76 -3.85
N PHE B 280 -11.73 13.59 -3.36
CA PHE B 280 -11.74 14.05 -1.98
C PHE B 280 -11.86 15.56 -1.90
N THR B 281 -12.51 16.04 -0.83
CA THR B 281 -12.69 17.48 -0.62
C THR B 281 -11.35 18.19 -0.51
N VAL B 282 -10.44 17.63 0.30
CA VAL B 282 -9.07 18.09 0.39
C VAL B 282 -8.22 17.03 -0.31
N ASP B 283 -7.56 17.47 -1.38
CA ASP B 283 -6.80 16.63 -2.30
C ASP B 283 -5.36 16.64 -1.83
N THR B 284 -4.88 15.49 -1.34
CA THR B 284 -3.56 15.39 -0.74
C THR B 284 -2.40 15.35 -1.74
N THR B 285 -2.69 15.39 -3.04
CA THR B 285 -1.65 15.59 -4.05
C THR B 285 -1.27 17.07 -4.23
N LYS B 286 -1.98 17.95 -3.54
CA LYS B 286 -1.79 19.40 -3.65
C LYS B 286 -1.60 20.00 -2.26
N LYS B 287 -1.05 21.19 -2.24
CA LYS B 287 -0.74 21.86 -0.99
C LYS B 287 -2.00 22.11 -0.17
N ILE B 288 -1.89 21.97 1.15
CA ILE B 288 -3.02 22.16 2.07
C ILE B 288 -2.60 23.17 3.13
N THR B 289 -3.46 24.16 3.38
CA THR B 289 -3.33 25.05 4.54
C THR B 289 -4.22 24.48 5.64
N VAL B 290 -3.64 24.29 6.82
CA VAL B 290 -4.32 23.71 7.97
C VAL B 290 -4.30 24.77 9.05
N VAL B 291 -5.49 25.13 9.55
CA VAL B 291 -5.64 26.14 10.58
C VAL B 291 -6.33 25.50 11.78
N THR B 292 -5.79 25.77 12.97
CA THR B 292 -6.26 25.14 14.19
C THR B 292 -6.38 26.23 15.24
N GLN B 293 -7.57 26.34 15.84
CA GLN B 293 -7.97 27.44 16.72
C GLN B 293 -8.29 26.87 18.09
N PHE B 294 -7.79 27.50 19.15
CA PHE B 294 -7.89 26.96 20.51
C PHE B 294 -8.64 27.92 21.42
N SER B 295 -9.68 27.44 22.09
N SER B 295 -9.67 27.41 22.11
CA SER B 295 -10.37 28.23 23.13
CA SER B 295 -10.44 28.19 23.09
C SER B 295 -10.67 27.32 24.29
C SER B 295 -10.68 27.31 24.29
N SER B 296 -11.13 27.91 25.39
CA SER B 296 -11.42 27.16 26.63
C SER B 296 -12.52 26.10 26.42
N THR B 297 -13.42 26.37 25.48
CA THR B 297 -14.49 25.44 25.13
C THR B 297 -14.09 24.35 24.13
N GLY B 298 -13.10 24.61 23.30
CA GLY B 298 -12.67 23.57 22.36
C GLY B 298 -11.60 23.93 21.37
N ILE B 299 -11.32 22.97 20.49
CA ILE B 299 -10.36 23.15 19.40
C ILE B 299 -11.14 23.05 18.10
N ASN B 300 -11.05 24.08 17.27
CA ASN B 300 -11.68 24.07 15.96
C ASN B 300 -10.63 24.05 14.84
N ARG B 301 -11.08 23.60 13.68
CA ARG B 301 -10.19 23.28 12.55
C ARG B 301 -10.87 23.71 11.26
N TYR B 302 -10.12 24.40 10.40
CA TYR B 302 -10.52 24.56 9.00
C TYR B 302 -9.33 24.39 8.09
N TYR B 303 -9.60 24.11 6.81
CA TYR B 303 -8.56 23.90 5.82
C TYR B 303 -8.77 24.91 4.69
N VAL B 304 -7.68 25.34 4.06
CA VAL B 304 -7.76 26.11 2.82
C VAL B 304 -6.96 25.39 1.75
N GLN B 305 -7.59 25.10 0.62
CA GLN B 305 -6.89 24.52 -0.53
C GLN B 305 -7.33 25.24 -1.78
N ASN B 306 -6.37 25.72 -2.56
N ASN B 306 -6.37 25.69 -2.57
CA ASN B 306 -6.65 26.46 -3.79
CA ASN B 306 -6.62 26.50 -3.77
C ASN B 306 -7.60 27.64 -3.51
C ASN B 306 -7.61 27.64 -3.49
N GLY B 307 -7.38 28.33 -2.38
CA GLY B 307 -8.20 29.47 -1.97
C GLY B 307 -9.58 29.17 -1.43
N VAL B 308 -9.97 27.90 -1.28
CA VAL B 308 -11.29 27.54 -0.84
C VAL B 308 -11.22 27.11 0.62
N LYS B 309 -12.03 27.71 1.48
CA LYS B 309 -12.09 27.33 2.90
C LYS B 309 -13.07 26.17 3.15
N PHE B 310 -12.58 25.10 3.77
CA PHE B 310 -13.39 23.96 4.19
C PHE B 310 -13.27 23.79 5.70
N VAL B 311 -14.37 24.04 6.42
CA VAL B 311 -14.42 23.71 7.85
C VAL B 311 -14.33 22.20 8.07
N GLN B 312 -13.81 21.81 9.23
CA GLN B 312 -13.83 20.42 9.67
C GLN B 312 -15.22 19.82 9.45
N PRO B 313 -15.32 18.68 8.76
CA PRO B 313 -16.62 18.03 8.62
C PRO B 313 -17.17 17.59 9.96
N ASN B 314 -18.50 17.53 10.05
CA ASN B 314 -19.14 17.02 11.25
C ASN B 314 -18.82 15.56 11.46
N ALA B 315 -18.76 15.14 12.73
CA ALA B 315 -18.68 13.73 13.08
C ALA B 315 -19.94 13.03 12.53
N SER B 316 -19.75 11.93 11.82
CA SER B 316 -20.84 11.25 11.14
C SER B 316 -21.02 9.84 11.71
N GLY B 317 -22.23 9.54 12.20
CA GLY B 317 -22.53 8.23 12.79
C GLY B 317 -21.84 7.97 14.12
N LEU B 318 -21.49 9.05 14.83
CA LEU B 318 -20.98 8.96 16.19
C LEU B 318 -22.15 9.26 17.10
N SER B 319 -22.59 8.24 17.85
CA SER B 319 -23.75 8.36 18.70
C SER B 319 -23.55 9.48 19.71
N GLY B 320 -24.50 10.42 19.73
CA GLY B 320 -24.51 11.49 20.72
C GLY B 320 -23.62 12.69 20.45
N TYR B 321 -23.04 12.79 19.24
CA TYR B 321 -22.27 13.99 18.89
C TYR B 321 -22.32 14.25 17.39
N THR B 322 -22.89 15.39 17.03
CA THR B 322 -23.03 15.81 15.63
C THR B 322 -22.20 17.07 15.25
N GLY B 323 -21.38 17.60 16.17
CA GLY B 323 -20.57 18.78 15.90
C GLY B 323 -19.30 18.48 15.11
N ASN B 324 -18.42 19.48 15.04
CA ASN B 324 -17.13 19.37 14.33
C ASN B 324 -15.95 19.93 15.14
N THR B 325 -16.15 20.02 16.45
CA THR B 325 -15.25 20.67 17.38
C THR B 325 -14.74 19.62 18.37
N ILE B 326 -13.46 19.63 18.67
CA ILE B 326 -12.95 18.86 19.78
C ILE B 326 -13.32 19.63 21.04
N ASN B 327 -14.38 19.19 21.69
CA ASN B 327 -14.80 19.77 22.96
C ASN B 327 -15.06 18.63 23.95
N SER B 328 -15.46 18.96 25.18
CA SER B 328 -15.65 17.92 26.18
C SER B 328 -16.73 16.91 25.74
N ALA B 329 -17.77 17.39 25.08
CA ALA B 329 -18.83 16.51 24.59
C ALA B 329 -18.29 15.50 23.57
N TYR B 330 -17.49 15.96 22.62
CA TYR B 330 -16.92 15.05 21.63
C TYR B 330 -16.07 13.99 22.34
N CYS B 331 -15.16 14.43 23.20
CA CYS B 331 -14.20 13.53 23.81
C CYS B 331 -14.88 12.44 24.63
N SER B 332 -15.95 12.80 25.33
CA SER B 332 -16.76 11.86 26.07
C SER B 332 -17.51 10.90 25.15
N ALA B 333 -18.11 11.43 24.09
CA ALA B 333 -18.82 10.62 23.12
C ALA B 333 -17.90 9.64 22.42
N GLU B 334 -16.67 10.06 22.13
CA GLU B 334 -15.68 9.18 21.49
C GLU B 334 -15.36 8.00 22.42
N GLN B 335 -15.08 8.32 23.68
CA GLN B 335 -14.81 7.32 24.71
C GLN B 335 -15.96 6.30 24.85
N THR B 336 -17.19 6.80 24.84
CA THR B 336 -18.37 5.96 24.98
C THR B 336 -18.52 5.02 23.79
N ALA B 337 -18.37 5.56 22.59
CA ALA B 337 -18.52 4.79 21.36
C ALA B 337 -17.35 3.85 21.08
N PHE B 338 -16.13 4.33 21.28
CA PHE B 338 -14.92 3.57 20.87
C PHE B 338 -14.25 2.80 22.01
N GLY B 339 -14.53 3.18 23.24
CA GLY B 339 -13.93 2.56 24.42
C GLY B 339 -12.82 3.46 24.93
N GLY B 340 -12.43 3.22 26.18
CA GLY B 340 -11.31 3.91 26.79
C GLY B 340 -11.77 5.00 27.75
N THR B 341 -10.88 5.33 28.68
CA THR B 341 -11.10 6.41 29.64
C THR B 341 -9.86 7.28 29.86
N SER B 342 -8.80 7.08 29.07
CA SER B 342 -7.50 7.66 29.37
C SER B 342 -7.55 9.19 29.38
N PHE B 343 -8.15 9.76 28.33
CA PHE B 343 -8.21 11.20 28.15
C PHE B 343 -8.84 11.91 29.34
N THR B 344 -10.00 11.42 29.77
CA THR B 344 -10.69 12.03 30.92
C THR B 344 -10.06 11.62 32.26
N ASP B 345 -9.49 10.41 32.35
CA ASP B 345 -8.73 10.00 33.55
C ASP B 345 -7.58 10.98 33.85
N LYS B 346 -6.91 11.48 32.79
CA LYS B 346 -5.77 12.39 32.97
C LYS B 346 -6.14 13.88 32.98
N GLY B 347 -7.44 14.17 33.07
CA GLY B 347 -7.95 15.53 33.30
C GLY B 347 -8.60 16.20 32.11
N GLY B 348 -8.63 15.52 30.96
CA GLY B 348 -9.35 15.99 29.78
C GLY B 348 -8.92 17.36 29.29
N LEU B 349 -9.88 18.08 28.71
CA LEU B 349 -9.58 19.38 28.11
C LEU B 349 -9.22 20.44 29.13
N THR B 350 -9.78 20.36 30.34
CA THR B 350 -9.43 21.30 31.39
C THR B 350 -7.93 21.21 31.67
N GLN B 351 -7.44 19.97 31.79
CA GLN B 351 -6.00 19.76 32.01
C GLN B 351 -5.15 20.13 30.78
N MET B 352 -5.61 19.74 29.59
CA MET B 352 -4.97 20.21 28.35
C MET B 352 -4.85 21.72 28.32
N ASN B 353 -5.92 22.42 28.67
CA ASN B 353 -5.94 23.89 28.58
C ASN B 353 -4.91 24.55 29.48
N LYS B 354 -4.51 23.88 30.57
CA LYS B 354 -3.44 24.38 31.41
C LYS B 354 -2.13 24.42 30.63
N ALA B 355 -1.86 23.38 29.85
CA ALA B 355 -0.67 23.37 28.98
C ALA B 355 -0.77 24.42 27.87
N LEU B 356 -1.96 24.55 27.31
CA LEU B 356 -2.22 25.54 26.27
C LEU B 356 -2.15 26.98 26.79
N SER B 357 -2.25 27.17 28.12
CA SER B 357 -2.09 28.50 28.75
C SER B 357 -0.65 28.83 29.17
N GLY B 358 0.28 27.95 28.85
CA GLY B 358 1.71 28.20 29.03
C GLY B 358 2.42 27.93 27.73
N GLY B 359 3.73 28.13 27.73
CA GLY B 359 4.54 27.92 26.54
C GLY B 359 4.64 26.46 26.13
N MET B 360 4.56 26.22 24.83
CA MET B 360 4.86 24.92 24.23
C MET B 360 5.77 25.12 23.03
N VAL B 361 6.60 24.12 22.77
CA VAL B 361 7.59 24.14 21.73
C VAL B 361 7.04 23.44 20.48
N LEU B 362 7.27 24.06 19.32
CA LEU B 362 6.83 23.50 18.02
C LEU B 362 7.79 22.38 17.57
N VAL B 363 7.23 21.21 17.30
CA VAL B 363 7.98 20.06 16.82
C VAL B 363 7.54 19.77 15.38
N LEU B 364 8.52 19.51 14.52
CA LEU B 364 8.27 19.18 13.13
C LEU B 364 9.05 17.90 12.87
N SER B 365 8.35 16.85 12.42
CA SER B 365 8.95 15.53 12.33
C SER B 365 8.41 14.69 11.20
N LEU B 366 9.18 13.64 10.87
CA LEU B 366 8.77 12.58 9.98
C LEU B 366 9.26 11.25 10.57
N TRP B 367 8.36 10.29 10.71
CA TRP B 367 8.70 9.00 11.27
C TRP B 367 7.87 7.87 10.68
N ASP B 368 8.42 6.65 10.81
CA ASP B 368 7.66 5.40 10.63
C ASP B 368 7.64 4.66 11.97
N ASP B 369 6.78 3.66 12.04
CA ASP B 369 6.27 3.15 13.31
C ASP B 369 6.62 1.68 13.53
N TYR B 370 7.69 1.44 14.28
CA TYR B 370 8.11 0.08 14.62
C TYR B 370 7.09 -0.68 15.46
N ALA B 371 6.32 0.02 16.30
CA ALA B 371 5.33 -0.63 17.17
C ALA B 371 4.06 -1.13 16.43
N ALA B 372 3.51 -0.28 15.56
CA ALA B 372 2.19 -0.56 14.96
C ALA B 372 2.02 -0.18 13.49
N ASN B 373 3.12 0.05 12.77
CA ASN B 373 3.10 0.25 11.32
C ASN B 373 2.19 1.41 10.84
N MET B 374 1.91 2.35 11.74
CA MET B 374 1.02 3.48 11.48
C MET B 374 -0.43 3.07 11.14
N LEU B 375 -0.82 1.86 11.51
CA LEU B 375 -2.15 1.37 11.16
C LEU B 375 -3.24 2.08 11.96
N TRP B 376 -2.88 2.51 13.17
CA TRP B 376 -3.72 3.37 14.02
C TRP B 376 -4.14 4.67 13.32
N LEU B 377 -3.29 5.17 12.42
CA LEU B 377 -3.57 6.39 11.67
C LEU B 377 -4.33 6.16 10.37
N ASP B 378 -3.87 5.19 9.57
CA ASP B 378 -4.30 5.09 8.17
C ASP B 378 -4.91 3.77 7.69
N SER B 379 -5.14 2.84 8.60
CA SER B 379 -5.69 1.53 8.24
C SER B 379 -6.79 1.14 9.23
N THR B 380 -7.03 -0.17 9.37
CA THR B 380 -7.94 -0.69 10.38
C THR B 380 -7.10 -1.22 11.55
N TYR B 381 -7.51 -0.88 12.78
CA TYR B 381 -6.69 -1.11 13.97
C TYR B 381 -7.58 -1.02 15.24
N PRO B 382 -7.39 -1.87 16.27
CA PRO B 382 -6.40 -2.95 16.32
C PRO B 382 -6.64 -4.04 15.30
N THR B 383 -5.64 -4.90 15.13
CA THR B 383 -5.68 -5.94 14.10
C THR B 383 -6.80 -7.00 14.32
N ASN B 384 -7.13 -7.31 15.58
CA ASN B 384 -8.24 -8.22 15.93
C ASN B 384 -9.66 -7.68 15.63
N ASP B 385 -9.79 -6.38 15.31
CA ASP B 385 -11.07 -5.78 14.92
C ASP B 385 -11.18 -5.64 13.40
N THR B 386 -12.36 -5.21 12.94
CA THR B 386 -12.63 -4.94 11.53
C THR B 386 -13.43 -3.65 11.36
N ALA B 387 -13.62 -3.23 10.11
CA ALA B 387 -14.30 -1.97 9.76
C ALA B 387 -15.70 -1.75 10.39
N SER B 388 -16.40 -2.82 10.78
CA SER B 388 -17.68 -2.70 11.50
C SER B 388 -17.53 -2.39 13.01
N THR B 389 -16.37 -2.67 13.59
CA THR B 389 -16.08 -2.31 14.99
C THR B 389 -15.99 -0.77 15.11
N PRO B 390 -16.68 -0.16 16.10
CA PRO B 390 -16.65 1.32 16.19
C PRO B 390 -15.25 1.88 16.42
N GLY B 391 -14.84 2.79 15.55
CA GLY B 391 -13.53 3.40 15.64
C GLY B 391 -12.39 2.63 15.00
N ALA B 392 -12.65 1.42 14.48
CA ALA B 392 -11.56 0.59 13.94
C ALA B 392 -10.97 1.13 12.64
N ALA B 393 -11.83 1.58 11.73
CA ALA B 393 -11.39 2.03 10.41
C ALA B 393 -10.89 3.47 10.52
N ARG B 394 -9.59 3.68 10.32
CA ARG B 394 -9.01 5.04 10.35
C ARG B 394 -8.53 5.54 8.99
N GLY B 395 -8.48 4.65 8.00
CA GLY B 395 -8.07 5.02 6.66
C GLY B 395 -8.10 3.80 5.77
N THR B 396 -7.66 3.99 4.54
CA THR B 396 -7.84 3.00 3.48
C THR B 396 -6.61 2.12 3.24
N CYS B 397 -5.50 2.37 3.94
CA CYS B 397 -4.30 1.55 3.78
C CYS B 397 -4.56 0.09 4.20
N SER B 398 -3.90 -0.84 3.52
CA SER B 398 -4.03 -2.25 3.87
C SER B 398 -3.54 -2.50 5.29
N THR B 399 -4.10 -3.49 5.96
CA THR B 399 -3.59 -3.95 7.26
C THR B 399 -2.15 -4.52 7.23
N SER B 400 -1.69 -4.92 6.04
N SER B 400 -1.67 -4.91 6.05
CA SER B 400 -0.31 -5.36 5.84
CA SER B 400 -0.28 -5.35 5.86
C SER B 400 0.68 -4.22 5.56
C SER B 400 0.69 -4.21 5.56
N SER B 401 0.20 -2.97 5.52
CA SER B 401 1.03 -1.81 5.16
C SER B 401 1.87 -1.31 6.33
N GLY B 402 2.86 -0.50 5.99
CA GLY B 402 3.60 0.31 6.95
C GLY B 402 4.71 -0.36 7.75
N VAL B 403 5.10 -1.57 7.38
CA VAL B 403 6.22 -2.23 8.03
C VAL B 403 7.48 -1.39 7.70
N PRO B 404 8.20 -0.91 8.74
CA PRO B 404 9.29 0.02 8.47
C PRO B 404 10.33 -0.44 7.44
N ALA B 405 10.85 -1.65 7.56
CA ALA B 405 11.82 -2.18 6.59
C ALA B 405 11.29 -2.11 5.16
N THR B 406 10.00 -2.41 5.01
CA THR B 406 9.39 -2.44 3.68
C THR B 406 9.20 -1.03 3.11
N VAL B 407 8.58 -0.13 3.88
CA VAL B 407 8.38 1.25 3.40
C VAL B 407 9.69 2.00 3.17
N GLU B 408 10.71 1.69 3.98
CA GLU B 408 12.04 2.28 3.80
C GLU B 408 12.72 1.81 2.52
N GLN B 409 12.54 0.54 2.14
N GLN B 409 12.54 0.53 2.17
CA GLN B 409 13.08 0.02 0.89
CA GLN B 409 13.03 -0.03 0.90
C GLN B 409 12.26 0.47 -0.32
C GLN B 409 12.26 0.49 -0.30
N GLN B 410 10.93 0.47 -0.18
CA GLN B 410 10.01 0.76 -1.30
C GLN B 410 9.83 2.23 -1.61
N SER B 411 9.82 3.08 -0.59
CA SER B 411 9.56 4.51 -0.74
C SER B 411 10.62 5.40 -0.03
N PRO B 412 11.91 5.17 -0.30
CA PRO B 412 12.94 5.96 0.41
C PRO B 412 12.91 7.48 0.14
N ASN B 413 12.44 7.88 -1.04
CA ASN B 413 12.42 9.30 -1.45
C ASN B 413 11.17 10.06 -0.97
N SER B 414 10.35 9.39 -0.15
CA SER B 414 9.25 10.03 0.56
C SER B 414 9.76 11.24 1.34
N LYS B 415 8.86 12.18 1.56
CA LYS B 415 9.19 13.43 2.26
C LYS B 415 7.95 14.20 2.61
N VAL B 416 8.10 15.14 3.54
CA VAL B 416 7.06 16.10 3.91
C VAL B 416 7.65 17.50 3.75
N VAL B 417 6.83 18.44 3.26
CA VAL B 417 7.24 19.83 3.14
C VAL B 417 6.25 20.68 3.95
N PHE B 418 6.72 21.24 5.05
CA PHE B 418 5.93 22.20 5.85
C PHE B 418 6.35 23.62 5.43
N SER B 419 5.40 24.55 5.35
CA SER B 419 5.73 25.91 4.94
C SER B 419 4.78 26.95 5.51
N ASN B 420 5.21 28.21 5.48
CA ASN B 420 4.33 29.34 5.73
C ASN B 420 3.59 29.22 7.07
N ILE B 421 4.36 29.00 8.14
CA ILE B 421 3.84 28.96 9.50
C ILE B 421 3.37 30.36 9.88
N LYS B 422 2.14 30.44 10.37
CA LYS B 422 1.55 31.69 10.84
C LYS B 422 0.89 31.44 12.20
N PHE B 423 1.01 32.40 13.10
CA PHE B 423 0.47 32.26 14.45
C PHE B 423 0.03 33.62 14.99
N GLY B 424 -1.13 33.62 15.66
CA GLY B 424 -1.65 34.83 16.28
C GLY B 424 -3.03 34.59 16.85
N PRO B 425 -3.72 35.66 17.27
CA PRO B 425 -5.06 35.48 17.83
C PRO B 425 -6.01 34.85 16.84
N ILE B 426 -7.07 34.24 17.34
CA ILE B 426 -8.09 33.62 16.48
C ILE B 426 -8.63 34.67 15.50
N GLY B 427 -8.71 34.30 14.23
CA GLY B 427 -9.07 35.20 13.14
C GLY B 427 -7.96 36.01 12.50
N SER B 428 -6.73 35.97 13.04
CA SER B 428 -5.65 36.85 12.58
C SER B 428 -4.77 36.32 11.43
N THR B 429 -4.73 35.01 11.20
CA THR B 429 -3.75 34.47 10.24
C THR B 429 -4.26 34.32 8.81
N GLY B 430 -5.58 34.45 8.62
CA GLY B 430 -6.20 34.22 7.31
C GLY B 430 -6.36 35.51 6.52
C1 NAG C . -13.58 -37.74 -6.06
C2 NAG C . -14.08 -39.17 -6.23
C3 NAG C . -13.54 -40.06 -5.11
C4 NAG C . -12.02 -39.90 -4.99
C5 NAG C . -11.68 -38.43 -4.82
C6 NAG C . -10.17 -38.16 -4.68
C7 NAG C . -16.25 -39.68 -7.31
C8 NAG C . -17.73 -39.55 -7.18
N2 NAG C . -15.54 -39.15 -6.30
O3 NAG C . -13.82 -41.41 -5.45
O4 NAG C . -11.53 -40.68 -3.89
O5 NAG C . -12.16 -37.74 -5.98
O6 NAG C . -9.56 -38.55 -5.91
O7 NAG C . -15.74 -40.23 -8.26
NI NI D . -23.29 -33.66 -4.90
NI NI E . -9.75 -1.25 -37.27
C1 GOL F . -8.27 -15.67 -17.52
O1 GOL F . -8.87 -15.79 -16.22
C2 GOL F . -8.83 -14.50 -18.36
O2 GOL F . -9.24 -13.39 -17.55
C3 GOL F . -9.97 -15.00 -19.24
O3 GOL F . -11.10 -14.11 -19.20
C1 BTB G . -6.11 2.21 -38.52
O1 BTB G . -6.09 2.50 -39.92
C2 BTB G . -6.63 0.80 -38.20
C3 BTB G . -6.18 0.44 -36.79
O3 BTB G . -6.41 1.52 -35.89
C4 BTB G . -5.99 -0.22 -39.16
O4 BTB G . -6.16 -1.56 -38.69
N BTB G . -8.12 0.73 -38.26
C5 BTB G . -8.78 1.96 -37.76
C6 BTB G . -9.56 1.78 -36.45
O6 BTB G . -10.63 0.85 -36.61
C7 BTB G . -8.54 0.53 -39.67
C8 BTB G . -10.03 0.25 -39.82
O8 BTB G . -10.35 -0.97 -39.15
C1 GS1 H . -7.75 2.20 -13.98
S1 GS1 H . -9.33 1.40 -14.09
C2 GS1 H . -7.87 3.60 -14.61
O2 GS1 H . -8.18 3.50 -16.01
C3 GS1 H . -6.55 4.35 -14.42
O3 GS1 H . -6.71 5.68 -14.93
C4 GS1 H . -6.20 4.42 -12.93
C5 GS1 H . -6.16 3.00 -12.32
O5 GS1 H . -7.39 2.30 -12.58
C6 GS1 H . -5.96 3.06 -10.79
O6 GS1 H . -7.11 3.66 -10.18
C1 GS1 I . -5.16 6.85 -12.21
S1 GS1 I . -4.63 5.22 -12.72
C2 GS1 I . -4.04 7.59 -11.52
O2 GS1 I . -3.58 6.84 -10.39
C3 GS1 I . -4.59 8.96 -11.06
O3 GS1 I . -3.53 9.69 -10.41
C4 GS1 I . -5.13 9.75 -12.29
O4 GS1 I . -5.74 11.02 -11.90
C5 GS1 I . -6.15 8.89 -13.05
O5 GS1 I . -5.57 7.59 -13.39
C6 GS1 I . -6.56 9.58 -14.35
O6 GS1 I . -7.20 8.64 -15.21
C1 GLC J . -9.99 -3.03 -13.69
C2 GLC J . -9.75 -2.26 -12.37
C3 GLC J . -9.78 -0.73 -12.58
C4 GLC J . -8.90 -0.30 -13.78
C5 GLC J . -9.20 -1.15 -15.00
C6 GLC J . -8.20 -0.85 -16.11
O1 GLC J . -11.36 -2.91 -14.11
O2 GLC J . -10.77 -2.61 -11.43
O3 GLC J . -9.31 -0.11 -11.38
O5 GLC J . -9.08 -2.56 -14.71
O6 GLC J . -8.62 -1.52 -17.31
C1 GS1 K . -20.02 -21.32 -20.98
S1 GS1 K . -21.73 -21.83 -20.88
C2 GS1 K . -19.75 -19.88 -20.51
O2 GS1 K . -20.58 -18.95 -21.23
C3 GS1 K . -18.27 -19.55 -20.78
O3 GS1 K . -17.93 -18.27 -20.19
C4 GS1 K . -17.31 -20.65 -20.25
C5 GS1 K . -17.82 -22.09 -20.53
O5 GS1 K . -19.22 -22.23 -20.20
C6 GS1 K . -17.05 -23.12 -19.70
O6 GS1 K . -17.17 -22.80 -18.30
C1 GS1 L . -14.79 -19.71 -19.81
S1 GS1 L . -15.75 -20.45 -21.09
C2 GS1 L . -13.33 -19.94 -20.17
O2 GS1 L . -13.05 -21.34 -20.18
C3 GS1 L . -12.43 -19.25 -19.14
O3 GS1 L . -11.04 -19.45 -19.47
C4 GS1 L . -12.79 -17.76 -19.05
O4 GS1 L . -12.00 -17.11 -18.01
C5 GS1 L . -14.30 -17.63 -18.73
O5 GS1 L . -15.10 -18.31 -19.74
C6 GS1 L . -14.72 -16.16 -18.60
O6 GS1 L . -14.44 -15.47 -19.81
C1 GLC M . -22.21 -24.72 -24.41
C2 GLC M . -22.41 -25.31 -22.97
C3 GLC M . -22.59 -24.20 -21.91
C4 GLC M . -21.74 -22.98 -22.26
C5 GLC M . -22.29 -22.33 -23.55
C6 GLC M . -21.25 -21.38 -24.17
O1 GLC M . -22.83 -25.56 -25.42
O2 GLC M . -23.54 -26.18 -22.92
O3 GLC M . -22.22 -24.72 -20.63
O5 GLC M . -22.72 -23.36 -24.54
O6 GLC M . -21.82 -20.70 -25.28
C1 NAG N . -17.93 14.77 4.54
C2 NAG N . -19.45 14.72 4.64
C3 NAG N . -20.08 15.56 3.52
C4 NAG N . -19.49 16.98 3.51
C5 NAG N . -17.97 16.90 3.47
C6 NAG N . -17.29 18.26 3.50
C7 NAG N . -20.69 12.77 5.55
C8 NAG N . -20.98 11.31 5.35
N2 NAG N . -19.88 13.32 4.63
O3 NAG N . -21.50 15.60 3.73
O4 NAG N . -19.97 17.73 2.39
O5 NAG N . -17.52 16.13 4.60
O6 NAG N . -17.66 18.89 4.72
O7 NAG N . -21.18 13.38 6.48
NI NI O . -17.01 4.39 2.86
NI NI P . 15.82 5.69 37.79
C1 GOL Q . -19.27 5.42 12.09
O1 GOL Q . -19.58 5.46 10.69
C2 GOL Q . -18.18 6.43 12.39
O2 GOL Q . -16.89 5.82 12.29
C3 GOL Q . -18.36 7.00 13.79
O3 GOL Q . -18.34 8.44 13.72
C1 GOL R . 3.81 12.27 17.78
O1 GOL R . 3.79 12.10 16.35
C2 GOL R . 4.76 11.33 18.53
O2 GOL R . 5.76 10.73 17.68
C3 GOL R . 3.97 10.24 19.24
O3 GOL R . 4.53 8.92 19.06
C1 PEG S . -10.02 35.19 20.19
O1 PEG S . -8.62 35.50 20.06
C2 PEG S . -10.26 34.45 21.49
O2 PEG S . -11.62 34.01 21.56
C3 PEG S . -11.72 32.69 22.11
C4 PEG S . -13.13 32.16 21.88
O4 PEG S . -13.73 31.83 23.13
C1 BTB T . 19.25 5.15 39.38
O1 BTB T . 18.18 4.21 39.18
C2 BTB T . 18.95 6.18 40.47
C3 BTB T . 19.85 5.83 41.65
O3 BTB T . 20.21 7.00 42.39
C4 BTB T . 17.50 6.14 40.97
O4 BTB T . 16.81 4.89 40.74
N BTB T . 19.30 7.59 40.07
C5 BTB T . 20.42 7.78 39.08
C6 BTB T . 20.20 7.22 37.68
O6 BTB T . 19.51 8.15 36.84
C7 BTB T . 18.18 8.57 39.83
C8 BTB T . 17.04 8.24 38.85
O8 BTB T . 17.26 7.02 38.13
C1 GS1 U . 21.27 7.78 14.89
S1 GS1 U . 20.01 6.53 14.93
C2 GS1 U . 22.51 7.20 15.57
O2 GS1 U . 22.24 6.87 16.94
C3 GS1 U . 23.64 8.22 15.51
O3 GS1 U . 24.80 7.66 16.11
C4 GS1 U . 23.93 8.60 14.04
C5 GS1 U . 22.64 9.10 13.36
O5 GS1 U . 21.57 8.14 13.51
C6 GS1 U . 22.89 9.40 11.88
O6 GS1 U . 23.16 8.18 11.17
C1 GS1 V . 26.61 8.85 13.56
S1 GS1 V . 25.19 9.85 13.97
C2 GS1 V . 27.71 9.72 12.97
O2 GS1 V . 27.22 10.39 11.79
C3 GS1 V . 28.92 8.82 12.60
O3 GS1 V . 29.97 9.66 12.14
C4 GS1 V . 29.39 8.00 13.83
O4 GS1 V . 30.44 7.06 13.44
C5 GS1 V . 28.20 7.26 14.45
O5 GS1 V . 27.13 8.19 14.76
C6 GS1 V . 28.64 6.56 15.75
O6 GS1 V . 27.48 6.21 16.52
C1 GLC W . 15.62 7.24 14.20
C2 GLC W . 16.52 7.36 12.97
C3 GLC W . 17.94 6.84 13.25
C4 GLC W . 18.53 7.46 14.52
C5 GLC W . 17.54 7.36 15.67
C6 GLC W . 18.03 8.15 16.88
O1 GLC W . 15.38 5.85 14.51
O2 GLC W . 15.95 6.59 11.90
O3 GLC W . 18.79 7.13 12.14
O5 GLC W . 16.24 7.91 15.31
O6 GLC W . 17.26 7.76 18.02
C1 GS1 X . -5.30 2.93 19.78
S1 GS1 X . -6.29 1.46 19.55
C2 GS1 X . -3.82 2.74 19.42
O2 GS1 X . -3.27 1.61 20.13
C3 GS1 X . -3.06 4.02 19.80
O3 GS1 X . -1.72 3.96 19.25
C4 GS1 X . -3.76 5.30 19.28
C5 GS1 X . -5.30 5.25 19.43
O5 GS1 X . -5.83 3.99 18.96
C6 GS1 X . -5.96 6.38 18.61
O6 GS1 X . -5.72 6.19 17.22
C1 GS1 Y . -2.09 7.44 19.08
S1 GS1 Y . -3.17 6.68 20.25
C2 GS1 Y . -1.86 8.87 19.54
O2 GS1 Y . -3.10 9.58 19.52
C3 GS1 Y . -0.85 9.57 18.62
O3 GS1 Y . -0.62 10.91 19.07
C4 GS1 Y . 0.45 8.76 18.56
O4 GS1 Y . 1.37 9.37 17.64
C5 GS1 Y . 0.10 7.32 18.12
O5 GS1 Y . -0.84 6.72 19.04
C6 GS1 Y . 1.35 6.45 17.97
O6 GS1 Y . 2.00 6.31 19.23
C1 GLC Z . -9.42 1.70 22.90
C2 GLC Z . -9.94 1.67 21.43
C3 GLC Z . -8.86 1.25 20.42
C4 GLC Z . -7.47 1.72 20.88
C5 GLC Z . -7.10 0.95 22.15
C6 GLC Z . -5.86 1.54 22.82
O1 GLC Z . -10.44 1.23 23.82
O2 GLC Z . -11.05 0.77 21.31
O3 GLC Z . -9.17 1.81 19.14
O5 GLC Z . -8.21 0.92 23.13
O6 GLC Z . -5.57 0.83 24.02
#